data_6U4J
#
_entry.id   6U4J
#
_cell.length_a   69.328
_cell.length_b   97.825
_cell.length_c   75.243
_cell.angle_alpha   90.000
_cell.angle_beta   98.410
_cell.angle_gamma   90.000
#
_symmetry.space_group_name_H-M   'P 1 21 1'
#
loop_
_entity.id
_entity.type
_entity.pdbx_description
1 polymer 'Isocitrate dehydrogenase [NADP] cytoplasmic'
2 non-polymer 'NADP NICOTINAMIDE-ADENINE-DINUCLEOTIDE PHOSPHATE'
3 non-polymer 'CHLORIDE ION'
4 non-polymer 5-{[(1S)-1-(6-chloro-2-oxo-1,2-dihydroquinolin-3-yl)ethyl]amino}-1-methyl-6-oxo-1,6-dihydropyridine-2-carbonitrile
5 non-polymer 'CITRATE ANION'
6 water water
#
_entity_poly.entity_id   1
_entity_poly.type   'polypeptide(L)'
_entity_poly.pdbx_seq_one_letter_code
;MSKKISGGSVVEMQGDEMTRIIWELIKEKLIFPYVELDLHSYDLGIENRDATNDQVTKDAAEAIKKHNVGVKCATITPDE
KRVEEFKLKQMWKSPNGTIRNILGGTVFREAIICKNIPRLVSGWVKPIIIGHHAYGDQYRATDFVVPGPGKVEITYTPSD
GTQKVTYLVHNFEEGGGVAMGMYNQDKSIEDFAHSSFQMALSKGWPLYLSTKNTILKKYDGRFKDIFQEIYDKQYKSQFE
AQKIWYEHRLIDDMVAQAMKSEGGFIWACKNYDGDVQSDSVAQGYGSLGMMTSVLVCPDGKTVEAEAAHGTVTRHYRMYQ
KGQETSTNPIASIFAWTRGLAHRAKLDNNKELAFFANALEEVSIETIEAGFMTKDLAACIKGLPNVQRSDYLNTFEFMDK
LGENLKIKLAQAKLSLEHHHHHHHH
;
_entity_poly.pdbx_strand_id   A,B
#
# COMPACT_ATOMS: atom_id res chain seq x y z
N LYS A 3 24.48 9.69 41.16
CA LYS A 3 25.07 8.56 40.46
C LYS A 3 24.29 8.28 39.16
N LYS A 4 22.99 8.00 39.26
CA LYS A 4 22.11 7.81 38.09
C LYS A 4 21.85 9.16 37.41
N ILE A 5 21.52 9.13 36.13
CA ILE A 5 21.23 10.34 35.35
C ILE A 5 19.89 10.89 35.82
N SER A 6 19.80 12.22 36.00
CA SER A 6 18.55 12.86 36.39
C SER A 6 17.75 13.00 35.09
N GLY A 7 16.78 12.12 34.90
CA GLY A 7 16.00 12.07 33.67
C GLY A 7 14.94 13.14 33.52
N GLY A 8 14.28 13.51 34.61
CA GLY A 8 13.23 14.52 34.56
C GLY A 8 11.85 13.91 34.41
N SER A 9 10.88 14.75 34.02
CA SER A 9 9.46 14.39 33.93
C SER A 9 9.10 13.62 32.66
N VAL A 10 8.58 12.39 32.83
CA VAL A 10 8.16 11.54 31.71
C VAL A 10 6.81 10.89 32.07
N VAL A 11 5.84 10.97 31.17
CA VAL A 11 4.56 10.31 31.36
C VAL A 11 4.73 8.90 30.82
N GLU A 12 4.33 7.91 31.60
CA GLU A 12 4.50 6.52 31.24
C GLU A 12 3.10 5.88 31.21
N MET A 13 2.81 5.15 30.13
CA MET A 13 1.53 4.46 30.00
C MET A 13 1.80 2.99 29.88
N GLN A 14 1.39 2.22 30.88
CA GLN A 14 1.59 0.78 30.88
C GLN A 14 0.52 0.17 30.02
N GLY A 15 0.80 -0.97 29.42
CA GLY A 15 -0.12 -1.60 28.48
C GLY A 15 -0.52 -3.02 28.78
N ASP A 16 -0.63 -3.83 27.73
CA ASP A 16 -1.19 -5.18 27.83
C ASP A 16 -0.32 -6.28 27.30
N GLU A 17 -0.70 -7.50 27.68
CA GLU A 17 -0.21 -8.79 27.23
C GLU A 17 1.33 -8.88 27.09
N MET A 18 1.89 -9.34 25.94
CA MET A 18 3.33 -9.57 25.84
C MET A 18 4.14 -8.28 25.98
N THR A 19 3.68 -7.17 25.38
CA THR A 19 4.38 -5.88 25.47
C THR A 19 4.47 -5.36 26.93
N ARG A 20 3.48 -5.69 27.80
CA ARG A 20 3.55 -5.30 29.21
C ARG A 20 4.75 -6.03 29.89
N ILE A 21 4.93 -7.31 29.56
CA ILE A 21 6.04 -8.07 30.12
C ILE A 21 7.36 -7.45 29.66
N ILE A 22 7.52 -7.23 28.36
CA ILE A 22 8.71 -6.60 27.81
C ILE A 22 8.94 -5.18 28.38
N TRP A 23 7.87 -4.42 28.55
CA TRP A 23 7.93 -3.07 29.09
C TRP A 23 8.62 -3.05 30.48
N GLU A 24 8.24 -3.99 31.36
CA GLU A 24 8.85 -4.10 32.68
C GLU A 24 10.30 -4.56 32.58
N LEU A 25 10.62 -5.46 31.62
CA LEU A 25 12.01 -5.89 31.45
C LEU A 25 12.86 -4.70 31.02
N ILE A 26 12.31 -3.81 30.14
CA ILE A 26 13.03 -2.63 29.68
C ILE A 26 13.34 -1.72 30.85
N LYS A 27 12.35 -1.44 31.67
CA LYS A 27 12.52 -0.55 32.83
C LYS A 27 13.52 -1.10 33.82
N GLU A 28 13.40 -2.39 34.15
CA GLU A 28 14.28 -3.01 35.13
C GLU A 28 15.72 -3.15 34.62
N LYS A 29 15.92 -3.60 33.39
CA LYS A 29 17.27 -3.87 32.86
C LYS A 29 17.93 -2.76 32.08
N LEU A 30 17.16 -1.95 31.41
CA LEU A 30 17.78 -0.93 30.56
C LEU A 30 17.65 0.50 31.04
N ILE A 31 16.56 0.87 31.73
CA ILE A 31 16.36 2.29 32.12
C ILE A 31 16.72 2.58 33.58
N PHE A 32 16.00 1.96 34.53
CA PHE A 32 16.15 2.26 35.96
C PHE A 32 17.55 2.04 36.55
N PRO A 33 18.40 1.14 36.06
CA PRO A 33 19.76 1.07 36.63
C PRO A 33 20.60 2.32 36.31
N TYR A 34 20.25 3.10 35.27
CA TYR A 34 21.04 4.26 34.82
C TYR A 34 20.39 5.62 34.91
N VAL A 35 19.05 5.69 34.91
CA VAL A 35 18.30 6.96 34.91
C VAL A 35 17.31 6.99 36.07
N GLU A 36 17.17 8.15 36.72
CA GLU A 36 16.17 8.40 37.78
C GLU A 36 15.16 9.28 37.10
N LEU A 37 13.89 8.90 37.14
CA LEU A 37 12.86 9.66 36.47
C LEU A 37 11.75 10.06 37.40
N ASP A 38 11.17 11.24 37.13
CA ASP A 38 9.96 11.68 37.77
C ASP A 38 8.84 11.08 36.88
N LEU A 39 8.52 9.76 37.09
CA LEU A 39 7.53 9.06 36.28
C LEU A 39 6.10 9.39 36.70
N HIS A 40 5.29 9.82 35.73
CA HIS A 40 3.87 10.06 35.94
C HIS A 40 3.21 8.86 35.23
N SER A 41 3.03 7.77 35.98
CA SER A 41 2.54 6.50 35.44
C SER A 41 1.04 6.41 35.38
N TYR A 42 0.52 5.91 34.25
CA TYR A 42 -0.91 5.70 34.05
C TYR A 42 -1.04 4.28 33.58
N ASP A 43 -1.84 3.46 34.27
CA ASP A 43 -1.99 2.08 33.84
C ASP A 43 -3.05 2.01 32.75
N LEU A 44 -2.62 1.91 31.47
CA LEU A 44 -3.57 1.77 30.37
C LEU A 44 -3.84 0.30 30.04
N GLY A 45 -3.62 -0.60 31.00
CA GLY A 45 -3.97 -2.01 30.87
C GLY A 45 -5.47 -2.10 30.72
N ILE A 46 -5.94 -3.08 29.96
CA ILE A 46 -7.36 -3.23 29.61
C ILE A 46 -8.28 -3.26 30.84
N GLU A 47 -7.89 -3.97 31.92
CA GLU A 47 -8.69 -4.09 33.15
C GLU A 47 -8.77 -2.77 33.89
N ASN A 48 -7.67 -2.00 33.97
CA ASN A 48 -7.70 -0.69 34.65
C ASN A 48 -8.43 0.33 33.79
N ARG A 49 -8.37 0.21 32.45
CA ARG A 49 -9.12 1.11 31.59
C ARG A 49 -10.61 0.86 31.83
N ASP A 50 -11.02 -0.41 31.94
CA ASP A 50 -12.40 -0.78 32.21
C ASP A 50 -12.80 -0.32 33.62
N ALA A 51 -11.90 -0.47 34.63
CA ALA A 51 -12.19 -0.07 36.02
C ALA A 51 -12.41 1.44 36.17
N THR A 52 -11.73 2.27 35.37
CA THR A 52 -11.88 3.73 35.42
C THR A 52 -12.81 4.25 34.30
N ASN A 53 -13.53 3.36 33.59
CA ASN A 53 -14.38 3.69 32.44
C ASN A 53 -13.63 4.51 31.36
N ASP A 54 -12.36 4.13 31.12
CA ASP A 54 -11.44 4.73 30.16
C ASP A 54 -11.00 6.15 30.52
N GLN A 55 -11.19 6.58 31.79
CA GLN A 55 -10.79 7.91 32.24
C GLN A 55 -9.27 8.00 32.30
N VAL A 56 -8.62 6.88 32.70
CA VAL A 56 -7.17 6.80 32.80
C VAL A 56 -6.51 7.20 31.47
N THR A 57 -7.10 6.78 30.32
CA THR A 57 -6.60 7.14 28.98
C THR A 57 -6.58 8.65 28.80
N LYS A 58 -7.72 9.31 29.15
CA LYS A 58 -7.87 10.76 29.05
C LYS A 58 -6.92 11.49 30.01
N ASP A 59 -6.77 10.97 31.23
CA ASP A 59 -5.84 11.56 32.22
C ASP A 59 -4.40 11.47 31.70
N ALA A 60 -4.01 10.31 31.14
CA ALA A 60 -2.66 10.14 30.57
C ALA A 60 -2.42 11.15 29.45
N ALA A 61 -3.39 11.29 28.54
CA ALA A 61 -3.31 12.27 27.44
C ALA A 61 -3.08 13.69 27.98
N GLU A 62 -3.77 14.06 29.08
CA GLU A 62 -3.65 15.37 29.70
C GLU A 62 -2.28 15.54 30.36
N ALA A 63 -1.75 14.49 30.98
CA ALA A 63 -0.42 14.53 31.57
C ALA A 63 0.66 14.73 30.48
N ILE A 64 0.46 14.10 29.30
CA ILE A 64 1.40 14.24 28.16
C ILE A 64 1.44 15.73 27.75
N LYS A 65 0.27 16.40 27.63
CA LYS A 65 0.22 17.83 27.25
C LYS A 65 0.97 18.71 28.24
N LYS A 66 0.93 18.35 29.55
CA LYS A 66 1.58 19.14 30.59
C LYS A 66 3.08 18.93 30.61
N HIS A 67 3.51 17.67 30.55
CA HIS A 67 4.94 17.36 30.68
C HIS A 67 5.70 17.28 29.35
N ASN A 68 4.96 17.22 28.21
CA ASN A 68 5.50 17.17 26.83
C ASN A 68 6.23 15.90 26.43
N VAL A 69 6.32 14.87 27.30
CA VAL A 69 7.02 13.61 26.97
C VAL A 69 6.17 12.45 27.47
N GLY A 70 5.76 11.60 26.54
CA GLY A 70 5.01 10.38 26.81
C GLY A 70 5.70 9.17 26.23
N VAL A 71 5.73 8.06 26.97
CA VAL A 71 6.30 6.79 26.49
C VAL A 71 5.21 5.77 26.78
N LYS A 72 4.66 5.15 25.72
CA LYS A 72 3.51 4.27 25.87
C LYS A 72 3.78 2.86 25.43
N CYS A 73 3.23 1.91 26.19
CA CYS A 73 3.32 0.48 25.92
C CYS A 73 2.11 0.14 25.01
N ALA A 74 2.22 -0.87 24.13
CA ALA A 74 1.09 -1.29 23.27
C ALA A 74 -0.08 -1.75 24.14
N THR A 75 -1.30 -1.38 23.73
CA THR A 75 -2.52 -1.66 24.48
C THR A 75 -3.48 -2.47 23.62
N ILE A 76 -4.40 -3.18 24.25
CA ILE A 76 -5.44 -3.92 23.53
C ILE A 76 -6.48 -2.88 23.02
N THR A 77 -6.85 -2.89 21.71
CA THR A 77 -7.99 -2.08 21.24
C THR A 77 -9.17 -3.05 21.32
N PRO A 78 -10.16 -2.84 22.20
CA PRO A 78 -11.25 -3.82 22.32
C PRO A 78 -12.14 -4.01 21.11
N ASP A 79 -12.47 -5.27 20.84
CA ASP A 79 -13.42 -5.70 19.82
C ASP A 79 -14.43 -6.59 20.57
N GLU A 80 -15.39 -7.20 19.87
CA GLU A 80 -16.38 -8.07 20.53
C GLU A 80 -15.74 -9.22 21.31
N LYS A 81 -14.67 -9.86 20.78
CA LYS A 81 -13.98 -10.97 21.47
C LYS A 81 -13.38 -10.54 22.82
N ARG A 82 -12.81 -9.33 22.88
CA ARG A 82 -12.21 -8.78 24.10
C ARG A 82 -13.28 -8.44 25.16
N VAL A 83 -14.43 -7.86 24.74
CA VAL A 83 -15.57 -7.59 25.64
C VAL A 83 -15.93 -8.90 26.36
N GLU A 84 -15.97 -10.03 25.63
CA GLU A 84 -16.30 -11.36 26.19
C GLU A 84 -15.15 -11.86 27.06
N GLU A 85 -13.92 -11.73 26.57
CA GLU A 85 -12.71 -12.18 27.28
C GLU A 85 -12.60 -11.58 28.67
N PHE A 86 -12.68 -10.25 28.76
CA PHE A 86 -12.51 -9.49 30.00
C PHE A 86 -13.82 -9.02 30.65
N LYS A 87 -15.00 -9.39 30.09
CA LYS A 87 -16.31 -8.97 30.60
C LYS A 87 -16.33 -7.44 30.75
N LEU A 88 -15.92 -6.71 29.67
CA LEU A 88 -15.83 -5.24 29.67
C LEU A 88 -17.22 -4.63 29.68
N LYS A 89 -17.36 -3.42 30.26
CA LYS A 89 -18.66 -2.73 30.37
C LYS A 89 -19.12 -2.26 28.97
N GLN A 90 -18.18 -1.83 28.13
CA GLN A 90 -18.44 -1.47 26.74
C GLN A 90 -17.17 -1.60 25.94
N MET A 91 -17.31 -1.54 24.62
CA MET A 91 -16.17 -1.62 23.73
C MET A 91 -15.47 -0.26 23.73
N TRP A 92 -14.49 -0.11 24.64
CA TRP A 92 -13.77 1.15 24.81
C TRP A 92 -13.00 1.46 23.54
N LYS A 93 -12.91 2.75 23.21
CA LYS A 93 -12.24 3.16 21.98
C LYS A 93 -10.74 2.97 22.13
N SER A 94 -10.05 2.84 20.97
CA SER A 94 -8.60 2.70 20.88
C SER A 94 -7.94 3.81 21.72
N PRO A 95 -7.07 3.48 22.71
CA PRO A 95 -6.38 4.55 23.45
C PRO A 95 -5.49 5.42 22.57
N ASN A 96 -4.91 4.81 21.53
CA ASN A 96 -4.03 5.50 20.57
C ASN A 96 -4.83 6.60 19.85
N GLY A 97 -6.05 6.27 19.44
CA GLY A 97 -6.98 7.19 18.79
C GLY A 97 -7.41 8.29 19.72
N THR A 98 -7.73 7.95 21.00
CA THR A 98 -8.16 8.92 22.03
C THR A 98 -7.01 9.86 22.36
N ILE A 99 -5.82 9.31 22.61
CA ILE A 99 -4.65 10.14 22.91
C ILE A 99 -4.33 11.09 21.74
N ARG A 100 -4.33 10.56 20.51
CA ARG A 100 -4.04 11.39 19.33
C ARG A 100 -5.07 12.51 19.18
N ASN A 101 -6.36 12.19 19.34
N ASN A 101 -6.36 12.21 19.37
CA ASN A 101 -7.45 13.16 19.25
CA ASN A 101 -7.42 13.20 19.28
C ASN A 101 -7.27 14.32 20.27
C ASN A 101 -7.21 14.35 20.27
N ILE A 102 -6.92 14.03 21.55
CA ILE A 102 -6.71 15.05 22.60
C ILE A 102 -5.46 15.91 22.34
N LEU A 103 -4.39 15.29 21.90
CA LEU A 103 -3.14 16.01 21.61
C LEU A 103 -3.18 16.75 20.26
N GLY A 104 -4.09 16.36 19.35
CA GLY A 104 -4.17 16.91 18.01
C GLY A 104 -2.92 16.52 17.20
N GLY A 105 -2.29 15.39 17.54
CA GLY A 105 -1.04 15.00 16.91
C GLY A 105 -1.14 14.12 15.67
N THR A 106 0.01 13.88 15.08
CA THR A 106 0.20 13.04 13.92
C THR A 106 1.20 11.96 14.30
N VAL A 107 0.89 10.72 13.94
CA VAL A 107 1.74 9.58 14.24
C VAL A 107 2.70 9.36 13.10
N PHE A 108 4.00 9.46 13.38
CA PHE A 108 5.04 9.22 12.40
C PHE A 108 5.70 7.88 12.70
N ARG A 109 5.93 7.07 11.68
CA ARG A 109 6.49 5.75 11.83
C ARG A 109 7.90 5.73 11.27
N GLU A 110 8.78 4.99 11.90
CA GLU A 110 10.15 4.88 11.44
C GLU A 110 10.65 3.44 11.68
N ALA A 111 11.30 2.86 10.67
CA ALA A 111 11.85 1.49 10.79
C ALA A 111 13.27 1.56 11.41
N ILE A 112 13.60 0.68 12.38
CA ILE A 112 14.96 0.65 12.99
C ILE A 112 15.77 -0.26 12.06
N ILE A 113 16.91 0.23 11.59
CA ILE A 113 17.71 -0.47 10.59
C ILE A 113 18.97 -1.08 11.20
N CYS A 114 19.24 -2.32 10.82
CA CYS A 114 20.44 -3.06 11.20
C CYS A 114 21.07 -3.52 9.88
N LYS A 115 22.38 -3.30 9.72
CA LYS A 115 23.13 -3.65 8.52
C LYS A 115 22.95 -5.11 8.07
N ASN A 116 22.83 -6.05 9.01
CA ASN A 116 22.70 -7.47 8.70
C ASN A 116 21.25 -7.91 8.43
N ILE A 117 20.23 -7.05 8.64
CA ILE A 117 18.83 -7.39 8.37
C ILE A 117 18.57 -6.94 6.93
N PRO A 118 18.20 -7.85 5.98
CA PRO A 118 18.07 -7.41 4.58
C PRO A 118 17.04 -6.33 4.37
N ARG A 119 17.43 -5.29 3.60
N ARG A 119 17.44 -5.38 3.51
CA ARG A 119 16.56 -4.13 3.32
CA ARG A 119 16.65 -4.22 3.11
C ARG A 119 15.75 -4.37 2.05
C ARG A 119 15.62 -4.66 2.10
N LEU A 120 14.45 -4.04 2.13
CA LEU A 120 13.42 -4.24 1.11
C LEU A 120 13.83 -3.55 -0.26
N VAL A 121 14.27 -2.26 -0.25
CA VAL A 121 14.80 -1.52 -1.39
C VAL A 121 16.27 -1.25 -1.05
N SER A 122 17.21 -1.85 -1.81
CA SER A 122 18.66 -1.69 -1.57
C SER A 122 19.09 -0.22 -1.50
N GLY A 123 18.56 0.60 -2.39
CA GLY A 123 18.84 2.03 -2.44
C GLY A 123 18.53 2.86 -1.20
N TRP A 124 17.64 2.40 -0.32
CA TRP A 124 17.24 3.14 0.89
C TRP A 124 18.33 3.10 1.96
N VAL A 125 19.30 4.01 1.84
CA VAL A 125 20.41 4.05 2.80
C VAL A 125 20.01 4.81 4.05
N LYS A 126 19.06 5.74 3.94
CA LYS A 126 18.49 6.49 5.06
C LYS A 126 17.03 6.05 5.25
N PRO A 127 16.48 6.03 6.48
CA PRO A 127 15.08 5.57 6.62
C PRO A 127 14.07 6.59 6.11
N ILE A 128 12.85 6.13 5.86
CA ILE A 128 11.76 6.98 5.39
C ILE A 128 10.83 7.05 6.60
N ILE A 129 10.46 8.27 7.00
CA ILE A 129 9.58 8.47 8.14
C ILE A 129 8.24 8.82 7.51
N ILE A 130 7.21 8.05 7.82
N ILE A 130 7.22 8.03 7.81
CA ILE A 130 5.87 8.27 7.24
CA ILE A 130 5.87 8.13 7.22
C ILE A 130 4.86 8.59 8.30
C ILE A 130 4.85 8.55 8.29
N GLY A 131 4.05 9.59 8.02
CA GLY A 131 2.98 10.04 8.91
C GLY A 131 1.65 9.95 8.20
N HIS A 132 0.56 9.66 8.94
CA HIS A 132 -0.79 9.58 8.38
C HIS A 132 -1.67 10.56 9.07
N HIS A 133 -2.76 10.94 8.39
CA HIS A 133 -3.72 11.88 8.96
C HIS A 133 -4.71 11.18 9.88
N ALA A 134 -4.54 11.31 11.20
CA ALA A 134 -5.46 10.74 12.22
C ALA A 134 -5.92 9.30 11.87
N TYR A 135 -4.93 8.43 11.53
CA TYR A 135 -5.09 7.00 11.19
C TYR A 135 -5.88 6.69 9.88
N GLY A 136 -6.08 7.70 9.04
CA GLY A 136 -6.75 7.54 7.77
C GLY A 136 -8.23 7.84 7.80
N ASP A 137 -8.77 8.24 6.67
CA ASP A 137 -10.19 8.57 6.50
C ASP A 137 -11.15 7.42 6.75
N GLN A 138 -10.70 6.14 6.68
CA GLN A 138 -11.57 4.99 6.97
C GLN A 138 -12.31 5.17 8.32
N TYR A 139 -11.66 5.85 9.31
CA TYR A 139 -12.22 6.08 10.64
C TYR A 139 -13.23 7.23 10.71
N ARG A 140 -13.41 7.98 9.62
CA ARG A 140 -14.33 9.11 9.56
C ARG A 140 -15.39 8.81 8.49
N ALA A 141 -15.82 7.53 8.39
CA ALA A 141 -16.81 7.10 7.43
C ALA A 141 -18.15 6.74 8.09
N THR A 142 -19.24 7.02 7.39
CA THR A 142 -20.58 6.59 7.77
C THR A 142 -21.07 5.76 6.58
N ASP A 143 -21.14 4.43 6.76
CA ASP A 143 -21.49 3.50 5.68
C ASP A 143 -22.78 2.74 5.92
N PHE A 144 -23.44 2.34 4.83
CA PHE A 144 -24.70 1.60 4.90
C PHE A 144 -24.99 0.82 3.62
N VAL A 145 -25.92 -0.14 3.73
CA VAL A 145 -26.39 -0.93 2.59
C VAL A 145 -27.50 -0.17 1.91
N VAL A 146 -27.46 -0.08 0.59
CA VAL A 146 -28.52 0.48 -0.24
C VAL A 146 -29.38 -0.79 -0.58
N PRO A 147 -30.59 -0.95 0.03
CA PRO A 147 -31.35 -2.20 -0.18
C PRO A 147 -31.94 -2.39 -1.58
N GLY A 148 -32.13 -1.31 -2.32
CA GLY A 148 -32.72 -1.41 -3.64
C GLY A 148 -32.65 -0.12 -4.42
N PRO A 149 -33.36 -0.03 -5.55
CA PRO A 149 -33.29 1.19 -6.37
C PRO A 149 -33.64 2.49 -5.64
N GLY A 150 -33.03 3.58 -6.07
CA GLY A 150 -33.24 4.89 -5.47
C GLY A 150 -31.99 5.74 -5.53
N LYS A 151 -32.12 7.01 -5.16
CA LYS A 151 -31.01 7.95 -5.20
C LYS A 151 -30.27 7.98 -3.90
N VAL A 152 -28.94 8.10 -3.98
CA VAL A 152 -28.12 8.34 -2.81
C VAL A 152 -27.54 9.70 -3.07
N GLU A 153 -27.75 10.61 -2.12
CA GLU A 153 -27.31 11.99 -2.22
C GLU A 153 -26.59 12.38 -0.98
N ILE A 154 -25.66 13.31 -1.11
CA ILE A 154 -24.91 13.86 0.02
C ILE A 154 -25.21 15.35 0.01
N THR A 155 -25.67 15.87 1.14
CA THR A 155 -26.12 17.25 1.26
C THR A 155 -25.33 17.98 2.33
N TYR A 156 -25.19 19.30 2.15
CA TYR A 156 -24.55 20.18 3.13
C TYR A 156 -25.57 21.27 3.47
N THR A 157 -25.96 21.39 4.76
CA THR A 157 -26.93 22.38 5.20
C THR A 157 -26.21 23.41 6.11
N PRO A 158 -25.91 24.62 5.57
CA PRO A 158 -25.22 25.64 6.40
C PRO A 158 -25.95 25.98 7.72
N SER A 159 -25.20 26.16 8.82
CA SER A 159 -25.79 26.57 10.11
C SER A 159 -26.38 27.99 10.01
N ASP A 160 -25.78 28.85 9.16
CA ASP A 160 -26.23 30.24 8.96
C ASP A 160 -27.55 30.39 8.16
N GLY A 161 -28.13 29.27 7.70
CA GLY A 161 -29.40 29.30 6.97
C GLY A 161 -29.30 29.58 5.49
N THR A 162 -28.06 29.69 4.92
CA THR A 162 -27.88 29.99 3.48
C THR A 162 -28.24 28.75 2.66
N GLN A 163 -28.07 28.83 1.32
CA GLN A 163 -28.49 27.77 0.40
C GLN A 163 -27.90 26.38 0.70
N LYS A 164 -28.78 25.39 0.86
CA LYS A 164 -28.44 23.97 1.07
C LYS A 164 -27.94 23.42 -0.27
N VAL A 165 -26.79 22.67 -0.27
CA VAL A 165 -26.21 22.13 -1.51
C VAL A 165 -26.34 20.61 -1.44
N THR A 166 -26.83 20.01 -2.52
CA THR A 166 -27.03 18.58 -2.67
C THR A 166 -26.15 18.10 -3.80
N TYR A 167 -25.51 16.97 -3.59
CA TYR A 167 -24.65 16.37 -4.60
C TYR A 167 -25.13 14.92 -4.79
N LEU A 168 -25.29 14.48 -6.04
CA LEU A 168 -25.68 13.11 -6.32
C LEU A 168 -24.46 12.18 -6.16
N VAL A 169 -24.54 11.20 -5.23
CA VAL A 169 -23.49 10.20 -5.04
C VAL A 169 -23.73 9.19 -6.15
N HIS A 170 -24.96 8.65 -6.23
CA HIS A 170 -25.30 7.69 -7.28
C HIS A 170 -26.79 7.43 -7.37
N ASN A 171 -27.27 7.26 -8.59
CA ASN A 171 -28.64 6.85 -8.81
C ASN A 171 -28.63 5.35 -9.06
N PHE A 172 -29.11 4.59 -8.07
CA PHE A 172 -29.20 3.13 -8.17
C PHE A 172 -30.46 2.83 -8.98
N GLU A 173 -30.31 2.52 -10.27
CA GLU A 173 -31.47 2.27 -11.11
C GLU A 173 -31.98 0.86 -10.92
N GLU A 174 -31.13 -0.13 -11.15
CA GLU A 174 -31.50 -1.55 -10.96
C GLU A 174 -30.73 -2.05 -9.75
N GLY A 175 -31.42 -2.76 -8.85
CA GLY A 175 -30.75 -3.37 -7.70
C GLY A 175 -30.23 -2.38 -6.68
N GLY A 176 -29.53 -2.92 -5.70
CA GLY A 176 -28.93 -2.14 -4.61
C GLY A 176 -27.42 -2.07 -4.67
N GLY A 177 -26.83 -1.97 -3.50
CA GLY A 177 -25.40 -1.84 -3.34
C GLY A 177 -25.04 -1.35 -1.97
N VAL A 178 -24.03 -0.50 -1.91
CA VAL A 178 -23.56 0.11 -0.66
C VAL A 178 -23.23 1.57 -0.95
N ALA A 179 -23.17 2.37 0.10
CA ALA A 179 -22.83 3.78 -0.04
C ALA A 179 -22.26 4.25 1.28
N MET A 180 -21.46 5.31 1.22
CA MET A 180 -20.85 5.88 2.41
C MET A 180 -20.44 7.34 2.23
N GLY A 181 -20.31 8.02 3.36
CA GLY A 181 -19.87 9.40 3.43
C GLY A 181 -18.62 9.47 4.29
N MET A 182 -17.64 10.27 3.87
CA MET A 182 -16.40 10.53 4.60
C MET A 182 -16.21 12.03 4.68
N TYR A 183 -15.46 12.48 5.68
CA TYR A 183 -15.22 13.90 5.88
C TYR A 183 -13.88 14.11 6.55
N ASN A 184 -13.45 15.37 6.59
CA ASN A 184 -12.30 15.87 7.34
C ASN A 184 -12.63 17.30 7.72
N GLN A 185 -12.24 17.71 8.93
CA GLN A 185 -12.39 19.08 9.40
C GLN A 185 -11.09 19.83 9.05
N ASP A 186 -11.19 21.10 8.71
CA ASP A 186 -10.02 21.95 8.40
C ASP A 186 -8.99 21.94 9.52
N LYS A 187 -9.44 22.07 10.78
CA LYS A 187 -8.53 22.12 11.92
C LYS A 187 -7.65 20.87 12.00
N SER A 188 -8.24 19.72 11.70
CA SER A 188 -7.53 18.45 11.73
C SER A 188 -6.42 18.44 10.63
N ILE A 189 -6.73 18.98 9.43
CA ILE A 189 -5.78 19.06 8.31
C ILE A 189 -4.65 20.06 8.67
N GLU A 190 -5.02 21.17 9.31
CA GLU A 190 -4.07 22.19 9.75
C GLU A 190 -3.11 21.61 10.81
N ASP A 191 -3.63 20.83 11.78
CA ASP A 191 -2.80 20.15 12.82
C ASP A 191 -1.80 19.21 12.13
N PHE A 192 -2.29 18.47 11.14
CA PHE A 192 -1.52 17.51 10.34
C PHE A 192 -0.36 18.21 9.61
N ALA A 193 -0.66 19.36 8.96
CA ALA A 193 0.36 20.18 8.32
C ALA A 193 1.39 20.67 9.36
N HIS A 194 0.93 21.32 10.45
CA HIS A 194 1.84 21.83 11.49
C HIS A 194 2.73 20.72 12.06
N SER A 195 2.15 19.58 12.40
CA SER A 195 2.91 18.44 12.94
C SER A 195 3.96 17.95 11.93
N SER A 196 3.58 17.87 10.64
CA SER A 196 4.49 17.43 9.58
C SER A 196 5.65 18.42 9.38
N PHE A 197 5.34 19.74 9.35
CA PHE A 197 6.39 20.74 9.24
C PHE A 197 7.34 20.70 10.44
N GLN A 198 6.79 20.54 11.65
CA GLN A 198 7.62 20.46 12.86
C GLN A 198 8.52 19.23 12.84
N MET A 199 7.99 18.09 12.40
CA MET A 199 8.75 16.84 12.31
C MET A 199 9.93 17.02 11.32
N ALA A 200 9.67 17.60 10.13
CA ALA A 200 10.70 17.85 9.13
C ALA A 200 11.79 18.80 9.66
N LEU A 201 11.39 19.89 10.36
CA LEU A 201 12.38 20.81 10.95
C LEU A 201 13.21 20.15 12.05
N SER A 202 12.60 19.32 12.89
CA SER A 202 13.31 18.66 13.97
C SER A 202 14.31 17.60 13.43
N LYS A 203 14.02 17.00 12.27
CA LYS A 203 14.94 16.02 11.66
C LYS A 203 15.97 16.66 10.75
N GLY A 204 15.65 17.83 10.19
CA GLY A 204 16.47 18.46 9.18
C GLY A 204 16.38 17.71 7.87
N TRP A 205 15.19 17.17 7.56
CA TRP A 205 14.92 16.41 6.33
C TRP A 205 13.78 17.09 5.56
N PRO A 206 13.75 16.96 4.21
CA PRO A 206 12.61 17.54 3.45
C PRO A 206 11.31 16.79 3.71
N LEU A 207 10.19 17.46 3.43
CA LEU A 207 8.85 16.92 3.66
C LEU A 207 8.10 16.84 2.37
N TYR A 208 7.40 15.73 2.16
CA TYR A 208 6.49 15.62 1.03
C TYR A 208 5.12 15.31 1.55
N LEU A 209 4.08 15.94 0.97
CA LEU A 209 2.70 15.58 1.24
C LEU A 209 2.26 14.80 -0.02
N SER A 210 1.61 13.64 0.12
CA SER A 210 1.03 12.96 -1.04
C SER A 210 -0.48 12.94 -0.93
N THR A 211 -1.17 13.13 -2.05
CA THR A 211 -2.64 13.04 -2.12
C THR A 211 -3.01 12.43 -3.49
N LYS A 212 -4.31 12.25 -3.75
CA LYS A 212 -4.83 11.81 -5.04
C LYS A 212 -5.63 13.00 -5.60
N ASN A 213 -5.03 14.23 -5.58
CA ASN A 213 -5.73 15.45 -5.99
C ASN A 213 -6.10 15.50 -7.49
N THR A 214 -5.59 14.59 -8.32
CA THR A 214 -6.04 14.47 -9.71
C THR A 214 -7.49 13.93 -9.77
N ILE A 215 -7.93 13.13 -8.77
CA ILE A 215 -9.26 12.50 -8.75
C ILE A 215 -10.15 13.19 -7.75
N LEU A 216 -9.70 13.30 -6.49
CA LEU A 216 -10.45 14.01 -5.46
C LEU A 216 -9.96 15.46 -5.49
N LYS A 217 -10.34 16.18 -6.54
CA LYS A 217 -9.89 17.55 -6.78
C LYS A 217 -10.26 18.51 -5.65
N LYS A 218 -11.42 18.34 -5.01
CA LYS A 218 -11.87 19.21 -3.92
C LYS A 218 -11.36 18.68 -2.57
N TYR A 219 -11.59 17.41 -2.32
CA TYR A 219 -11.24 16.78 -1.05
C TYR A 219 -9.73 16.80 -0.79
N ASP A 220 -8.95 16.26 -1.73
CA ASP A 220 -7.50 16.22 -1.62
C ASP A 220 -6.87 17.57 -1.93
N GLY A 221 -7.52 18.36 -2.79
CA GLY A 221 -7.05 19.71 -3.08
C GLY A 221 -6.98 20.55 -1.82
N ARG A 222 -7.94 20.34 -0.88
CA ARG A 222 -7.96 21.07 0.39
C ARG A 222 -6.68 20.79 1.22
N PHE A 223 -6.21 19.54 1.24
CA PHE A 223 -4.98 19.18 1.95
C PHE A 223 -3.80 19.92 1.32
N LYS A 224 -3.68 19.86 -0.02
CA LYS A 224 -2.60 20.55 -0.74
C LYS A 224 -2.62 22.08 -0.40
N ASP A 225 -3.82 22.71 -0.41
CA ASP A 225 -3.96 24.15 -0.13
C ASP A 225 -3.61 24.50 1.30
N ILE A 226 -4.15 23.76 2.28
CA ILE A 226 -3.87 24.04 3.68
C ILE A 226 -2.37 23.89 3.94
N PHE A 227 -1.73 22.81 3.44
CA PHE A 227 -0.29 22.63 3.68
C PHE A 227 0.50 23.80 3.07
N GLN A 228 0.17 24.19 1.82
CA GLN A 228 0.91 25.27 1.18
C GLN A 228 0.72 26.60 1.91
N GLU A 229 -0.52 26.89 2.34
CA GLU A 229 -0.83 28.12 3.08
C GLU A 229 0.00 28.21 4.35
N ILE A 230 -0.05 27.16 5.17
CA ILE A 230 0.71 27.13 6.42
C ILE A 230 2.21 27.22 6.16
N TYR A 231 2.73 26.45 5.18
CA TYR A 231 4.15 26.48 4.83
C TYR A 231 4.65 27.91 4.52
N ASP A 232 3.97 28.59 3.60
CA ASP A 232 4.33 29.95 3.18
C ASP A 232 4.28 30.95 4.36
N LYS A 233 3.26 30.83 5.25
CA LYS A 233 2.99 31.72 6.40
C LYS A 233 3.87 31.50 7.68
N GLN A 234 4.31 30.29 7.94
CA GLN A 234 5.02 29.99 9.17
C GLN A 234 6.29 29.16 9.04
N TYR A 235 6.57 28.47 7.90
CA TYR A 235 7.76 27.57 7.85
C TYR A 235 8.76 27.71 6.71
N LYS A 236 8.41 28.35 5.58
CA LYS A 236 9.30 28.46 4.41
C LYS A 236 10.72 28.96 4.75
N SER A 237 10.85 30.08 5.49
CA SER A 237 12.17 30.59 5.88
C SER A 237 12.96 29.61 6.74
N GLN A 238 12.27 28.93 7.64
CA GLN A 238 12.90 27.98 8.55
C GLN A 238 13.41 26.78 7.76
N PHE A 239 12.65 26.32 6.77
CA PHE A 239 13.07 25.18 5.93
C PHE A 239 14.27 25.61 5.09
N GLU A 240 14.15 26.81 4.47
CA GLU A 240 15.20 27.41 3.64
C GLU A 240 16.53 27.55 4.40
N ALA A 241 16.46 27.90 5.68
CA ALA A 241 17.63 28.01 6.55
C ALA A 241 18.36 26.68 6.73
N GLN A 242 17.62 25.56 6.82
CA GLN A 242 18.19 24.21 6.94
C GLN A 242 18.42 23.52 5.59
N LYS A 243 18.22 24.22 4.47
CA LYS A 243 18.36 23.66 3.12
C LYS A 243 17.46 22.44 2.91
N ILE A 244 16.20 22.56 3.33
CA ILE A 244 15.19 21.52 3.15
C ILE A 244 14.03 22.21 2.48
N TRP A 245 13.05 21.47 2.06
CA TRP A 245 11.94 22.02 1.33
C TRP A 245 10.71 21.22 1.62
N TYR A 246 9.56 21.77 1.23
CA TYR A 246 8.29 21.08 1.36
C TYR A 246 7.67 21.05 -0.04
N GLU A 247 7.15 19.88 -0.49
CA GLU A 247 6.47 19.81 -1.78
C GLU A 247 5.32 18.85 -1.71
N HIS A 248 4.24 19.19 -2.42
CA HIS A 248 3.13 18.28 -2.58
C HIS A 248 3.49 17.36 -3.76
N ARG A 249 3.05 16.10 -3.67
CA ARG A 249 3.27 15.11 -4.73
C ARG A 249 1.98 14.34 -4.92
N LEU A 250 1.59 14.07 -6.16
CA LEU A 250 0.49 13.14 -6.44
C LEU A 250 1.04 11.78 -5.93
N ILE A 251 0.24 10.97 -5.22
CA ILE A 251 0.71 9.66 -4.69
C ILE A 251 1.42 8.80 -5.77
N ASP A 252 0.92 8.78 -7.00
CA ASP A 252 1.52 8.04 -8.14
C ASP A 252 3.01 8.40 -8.30
N ASP A 253 3.32 9.72 -8.28
CA ASP A 253 4.70 10.22 -8.40
C ASP A 253 5.47 9.98 -7.13
N MET A 254 4.83 10.17 -5.96
CA MET A 254 5.52 9.97 -4.69
C MET A 254 6.05 8.53 -4.54
N VAL A 255 5.22 7.54 -4.88
CA VAL A 255 5.62 6.14 -4.73
C VAL A 255 6.81 5.84 -5.65
N ALA A 256 6.72 6.24 -6.93
CA ALA A 256 7.82 6.04 -7.89
C ALA A 256 9.07 6.77 -7.39
N GLN A 257 8.94 8.04 -6.97
CA GLN A 257 10.06 8.81 -6.39
C GLN A 257 10.66 8.08 -5.16
N ALA A 258 9.86 7.69 -4.18
CA ALA A 258 10.33 7.03 -2.96
C ALA A 258 11.11 5.76 -3.28
N MET A 259 10.62 4.98 -4.23
CA MET A 259 11.30 3.74 -4.65
C MET A 259 12.66 3.99 -5.31
N LYS A 260 12.86 5.12 -6.00
CA LYS A 260 14.15 5.46 -6.64
C LYS A 260 15.03 6.34 -5.76
N SER A 261 14.58 6.71 -4.55
CA SER A 261 15.32 7.58 -3.64
C SER A 261 16.29 6.80 -2.74
N GLU A 262 17.02 7.55 -1.92
CA GLU A 262 17.93 7.03 -0.92
C GLU A 262 17.32 7.06 0.47
N GLY A 263 16.02 7.42 0.57
CA GLY A 263 15.36 7.61 1.85
C GLY A 263 15.75 8.97 2.37
N GLY A 264 15.64 9.18 3.67
CA GLY A 264 16.03 10.44 4.29
C GLY A 264 15.03 11.57 4.11
N PHE A 265 13.70 11.27 4.21
CA PHE A 265 12.71 12.35 4.08
C PHE A 265 11.49 12.01 4.92
N ILE A 266 10.67 13.04 5.18
CA ILE A 266 9.41 12.90 5.91
C ILE A 266 8.30 12.84 4.84
N TRP A 267 7.34 11.97 5.03
CA TRP A 267 6.25 11.79 4.10
C TRP A 267 4.93 11.89 4.88
N ALA A 268 4.14 12.96 4.64
CA ALA A 268 2.79 13.12 5.20
C ALA A 268 1.90 12.45 4.15
N CYS A 269 1.39 11.28 4.46
CA CYS A 269 0.62 10.49 3.53
C CYS A 269 -0.86 10.67 3.80
N LYS A 270 -1.58 11.35 2.89
CA LYS A 270 -3.02 11.49 3.05
C LYS A 270 -3.58 10.25 2.38
N ASN A 271 -4.30 9.43 3.16
CA ASN A 271 -4.84 8.18 2.66
C ASN A 271 -6.04 7.73 3.48
N TYR A 272 -6.56 6.56 3.17
CA TYR A 272 -7.74 6.00 3.83
C TYR A 272 -7.40 5.11 5.01
N ASP A 273 -6.33 4.30 4.90
CA ASP A 273 -5.94 3.37 5.95
C ASP A 273 -4.52 3.66 6.46
N GLY A 274 -4.46 4.23 7.68
CA GLY A 274 -3.21 4.57 8.34
C GLY A 274 -2.76 3.49 9.29
N ASP A 275 -3.36 2.29 9.26
CA ASP A 275 -2.94 1.19 10.14
C ASP A 275 -1.66 0.61 9.56
N VAL A 276 -0.65 0.42 10.42
CA VAL A 276 0.62 -0.15 9.98
C VAL A 276 0.45 -1.58 9.47
N GLN A 277 -0.50 -2.34 10.04
CA GLN A 277 -0.59 -3.76 9.73
C GLN A 277 -1.10 -4.01 8.30
N SER A 278 -1.73 -3.02 7.65
CA SER A 278 -2.13 -3.18 6.26
C SER A 278 -1.15 -2.48 5.29
N ASP A 279 0.02 -1.99 5.78
CA ASP A 279 1.03 -1.34 4.95
C ASP A 279 2.00 -2.46 4.55
N SER A 280 2.01 -2.80 3.25
N SER A 280 2.01 -2.81 3.26
CA SER A 280 2.86 -3.86 2.71
CA SER A 280 2.86 -3.87 2.73
C SER A 280 4.34 -3.58 2.88
C SER A 280 4.35 -3.59 2.90
N VAL A 281 4.77 -2.32 2.80
CA VAL A 281 6.21 -1.99 2.98
C VAL A 281 6.62 -2.16 4.44
N ALA A 282 5.77 -1.69 5.37
CA ALA A 282 6.02 -1.82 6.82
C ALA A 282 6.07 -3.34 7.17
N GLN A 283 5.18 -4.13 6.60
CA GLN A 283 5.12 -5.60 6.82
C GLN A 283 6.19 -6.37 6.03
N GLY A 284 6.65 -5.83 4.90
CA GLY A 284 7.64 -6.46 4.04
C GLY A 284 9.08 -6.40 4.54
N TYR A 285 9.45 -5.40 5.36
CA TYR A 285 10.82 -5.27 5.87
C TYR A 285 10.97 -5.74 7.30
N GLY A 286 11.92 -6.66 7.54
CA GLY A 286 12.22 -7.12 8.90
C GLY A 286 11.02 -7.69 9.64
N SER A 287 10.70 -7.09 10.78
CA SER A 287 9.59 -7.47 11.63
C SER A 287 8.91 -6.20 12.04
N LEU A 288 7.62 -6.28 12.45
CA LEU A 288 6.96 -5.11 13.01
C LEU A 288 7.61 -4.79 14.40
N GLY A 289 8.38 -5.73 14.99
CA GLY A 289 9.20 -5.47 16.18
C GLY A 289 10.24 -4.38 15.97
N MET A 290 10.55 -4.02 14.71
CA MET A 290 11.52 -2.96 14.38
C MET A 290 10.84 -1.63 13.95
N MET A 291 9.51 -1.52 14.08
N MET A 291 9.51 -1.53 14.09
CA MET A 291 8.80 -0.32 13.64
CA MET A 291 8.75 -0.35 13.66
C MET A 291 8.36 0.46 14.86
C MET A 291 8.32 0.47 14.87
N THR A 292 8.90 1.67 15.05
CA THR A 292 8.55 2.53 16.19
C THR A 292 7.71 3.68 15.67
N SER A 293 7.13 4.42 16.58
N SER A 293 6.96 4.33 16.59
CA SER A 293 6.33 5.54 16.13
CA SER A 293 5.99 5.39 16.25
C SER A 293 6.46 6.66 17.13
C SER A 293 6.12 6.59 17.19
N VAL A 294 6.17 7.83 16.65
CA VAL A 294 6.21 9.01 17.51
C VAL A 294 5.01 9.88 17.12
N LEU A 295 4.22 10.24 18.13
N LEU A 295 4.21 10.26 18.13
CA LEU A 295 3.10 11.15 17.96
CA LEU A 295 3.03 11.11 17.97
C LEU A 295 3.74 12.48 18.16
C LEU A 295 3.52 12.51 18.23
N VAL A 296 3.58 13.35 17.19
CA VAL A 296 4.12 14.69 17.28
C VAL A 296 2.93 15.69 17.22
N CYS A 297 3.07 16.79 17.93
CA CYS A 297 1.99 17.79 18.02
C CYS A 297 2.24 19.02 17.19
N PRO A 298 1.16 19.73 16.82
CA PRO A 298 1.33 20.95 16.02
C PRO A 298 2.39 21.95 16.55
N ASP A 299 2.55 22.12 17.86
CA ASP A 299 3.57 23.05 18.38
C ASP A 299 5.05 22.49 18.26
N GLY A 300 5.19 21.22 17.91
CA GLY A 300 6.50 20.61 17.83
C GLY A 300 7.20 20.44 19.17
N LYS A 301 6.47 20.63 20.27
CA LYS A 301 7.04 20.57 21.62
C LYS A 301 6.65 19.28 22.33
N THR A 302 5.45 18.76 22.13
CA THR A 302 5.00 17.54 22.84
C THR A 302 5.12 16.32 21.95
N VAL A 303 5.64 15.21 22.51
CA VAL A 303 5.75 13.93 21.82
C VAL A 303 5.27 12.78 22.70
N GLU A 304 4.72 11.74 22.06
CA GLU A 304 4.36 10.50 22.70
C GLU A 304 4.91 9.38 21.84
N ALA A 305 5.83 8.60 22.38
CA ALA A 305 6.48 7.54 21.60
C ALA A 305 5.97 6.19 22.02
N GLU A 306 5.76 5.33 21.02
CA GLU A 306 5.34 3.95 21.25
C GLU A 306 5.72 3.09 20.09
N ALA A 307 5.77 1.78 20.32
CA ALA A 307 6.02 0.83 19.22
C ALA A 307 4.83 0.85 18.26
N ALA A 308 5.08 0.67 16.95
CA ALA A 308 3.97 0.65 15.97
C ALA A 308 3.22 -0.73 16.02
N HIS A 309 3.88 -1.79 16.50
CA HIS A 309 3.24 -3.11 16.60
C HIS A 309 2.20 -3.16 17.76
N GLY A 310 1.49 -4.26 17.84
CA GLY A 310 0.51 -4.48 18.90
C GLY A 310 1.08 -5.14 20.15
N THR A 311 0.20 -5.75 20.93
CA THR A 311 0.51 -6.40 22.20
C THR A 311 1.10 -7.79 22.06
N VAL A 312 1.17 -8.33 20.81
CA VAL A 312 1.77 -9.61 20.44
C VAL A 312 1.06 -10.74 21.22
N THR A 313 -0.28 -10.75 21.12
CA THR A 313 -1.13 -11.72 21.81
C THR A 313 -0.70 -13.15 21.57
N ARG A 314 -0.32 -13.53 20.35
CA ARG A 314 0.09 -14.92 20.09
C ARG A 314 1.25 -15.33 21.00
N HIS A 315 2.22 -14.42 21.24
CA HIS A 315 3.37 -14.70 22.11
C HIS A 315 2.93 -14.74 23.58
N TYR A 316 2.00 -13.84 23.97
CA TYR A 316 1.46 -13.80 25.31
C TYR A 316 0.78 -15.14 25.65
N ARG A 317 0.05 -15.75 24.70
CA ARG A 317 -0.60 -17.06 24.93
C ARG A 317 0.43 -18.15 25.14
N MET A 318 1.57 -18.08 24.43
CA MET A 318 2.64 -19.05 24.60
C MET A 318 3.25 -18.84 26.00
N TYR A 319 3.45 -17.58 26.39
CA TYR A 319 3.98 -17.22 27.70
C TYR A 319 3.04 -17.73 28.79
N GLN A 320 1.72 -17.52 28.63
CA GLN A 320 0.74 -17.97 29.64
C GLN A 320 0.77 -19.48 29.90
N LYS A 321 1.16 -20.27 28.90
CA LYS A 321 1.24 -21.72 29.03
C LYS A 321 2.69 -22.20 29.26
N GLY A 322 3.59 -21.30 29.68
CA GLY A 322 4.96 -21.70 29.97
C GLY A 322 5.78 -22.08 28.75
N GLN A 323 5.32 -21.76 27.51
CA GLN A 323 6.11 -22.04 26.30
C GLN A 323 7.07 -20.86 26.07
N GLU A 324 8.30 -21.14 25.63
CA GLU A 324 9.33 -20.12 25.37
C GLU A 324 8.86 -19.20 24.22
N THR A 325 9.17 -17.91 24.33
CA THR A 325 8.81 -16.93 23.32
C THR A 325 10.09 -16.25 22.86
N SER A 326 10.00 -15.55 21.75
CA SER A 326 11.09 -14.77 21.23
C SER A 326 10.46 -13.47 20.69
N THR A 327 10.09 -12.59 21.62
CA THR A 327 9.42 -11.32 21.30
C THR A 327 10.45 -10.23 21.20
N ASN A 328 10.43 -9.52 20.06
CA ASN A 328 11.38 -8.48 19.74
C ASN A 328 11.06 -7.20 20.56
N PRO A 329 11.97 -6.74 21.43
CA PRO A 329 11.68 -5.53 22.24
C PRO A 329 12.17 -4.22 21.63
N ILE A 330 12.74 -4.25 20.42
CA ILE A 330 13.37 -3.07 19.84
C ILE A 330 12.43 -1.88 19.67
N ALA A 331 11.25 -2.07 19.07
CA ALA A 331 10.34 -0.91 18.87
C ALA A 331 9.94 -0.32 20.21
N SER A 332 9.73 -1.16 21.26
CA SER A 332 9.39 -0.69 22.62
C SER A 332 10.56 0.04 23.25
N ILE A 333 11.79 -0.48 23.07
CA ILE A 333 13.00 0.18 23.59
C ILE A 333 13.13 1.57 22.94
N PHE A 334 12.93 1.67 21.61
CA PHE A 334 13.04 2.96 20.91
C PHE A 334 11.91 3.91 21.30
N ALA A 335 10.77 3.41 21.80
CA ALA A 335 9.75 4.30 22.35
C ALA A 335 10.38 5.00 23.59
N TRP A 336 11.12 4.24 24.45
CA TRP A 336 11.83 4.86 25.58
C TRP A 336 12.96 5.77 25.10
N THR A 337 13.82 5.31 24.19
CA THR A 337 14.94 6.17 23.76
C THR A 337 14.49 7.44 23.06
N ARG A 338 13.42 7.39 22.27
CA ARG A 338 12.94 8.56 21.55
C ARG A 338 12.25 9.50 22.52
N GLY A 339 11.49 8.98 23.49
CA GLY A 339 10.90 9.82 24.53
C GLY A 339 11.98 10.50 25.36
N LEU A 340 13.02 9.75 25.73
CA LEU A 340 14.11 10.30 26.53
C LEU A 340 14.95 11.28 25.73
N ALA A 341 15.18 11.03 24.44
CA ALA A 341 15.93 11.96 23.58
C ALA A 341 15.19 13.32 23.52
N HIS A 342 13.84 13.30 23.44
CA HIS A 342 13.02 14.51 23.40
C HIS A 342 13.08 15.25 24.74
N ARG A 343 12.97 14.50 25.85
CA ARG A 343 13.10 15.02 27.21
C ARG A 343 14.45 15.73 27.35
N ALA A 344 15.52 15.08 26.91
CA ALA A 344 16.87 15.64 26.96
C ALA A 344 17.01 16.94 26.13
N LYS A 345 16.34 16.98 24.99
CA LYS A 345 16.38 18.14 24.09
C LYS A 345 15.68 19.34 24.75
N LEU A 346 14.45 19.12 25.25
CA LEU A 346 13.67 20.15 25.93
C LEU A 346 14.39 20.73 27.14
N ASP A 347 15.09 19.86 27.91
CA ASP A 347 15.78 20.25 29.12
C ASP A 347 17.25 20.57 28.94
N ASN A 348 17.84 20.41 27.72
CA ASN A 348 19.29 20.58 27.49
C ASN A 348 20.06 19.64 28.44
N ASN A 349 19.62 18.38 28.54
CA ASN A 349 20.22 17.38 29.42
C ASN A 349 21.18 16.53 28.57
N LYS A 350 22.45 16.94 28.49
CA LYS A 350 23.45 16.23 27.69
C LYS A 350 23.68 14.79 28.14
N GLU A 351 23.58 14.51 29.45
CA GLU A 351 23.82 13.15 29.97
C GLU A 351 22.68 12.21 29.55
N LEU A 352 21.42 12.68 29.60
CA LEU A 352 20.27 11.90 29.18
C LEU A 352 20.28 11.74 27.65
N ALA A 353 20.65 12.80 26.89
CA ALA A 353 20.74 12.70 25.43
C ALA A 353 21.78 11.62 25.05
N PHE A 354 22.96 11.67 25.70
CA PHE A 354 24.03 10.71 25.46
C PHE A 354 23.54 9.26 25.77
N PHE A 355 22.88 9.06 26.91
CA PHE A 355 22.38 7.74 27.31
C PHE A 355 21.34 7.19 26.29
N ALA A 356 20.34 8.01 25.94
CA ALA A 356 19.30 7.64 24.97
C ALA A 356 19.91 7.15 23.66
N ASN A 357 20.95 7.86 23.17
CA ASN A 357 21.62 7.46 21.92
C ASN A 357 22.43 6.16 22.13
N ALA A 358 23.10 6.02 23.26
CA ALA A 358 23.92 4.83 23.57
C ALA A 358 23.07 3.57 23.61
N LEU A 359 21.86 3.64 24.20
CA LEU A 359 20.93 2.50 24.27
C LEU A 359 20.43 2.11 22.86
N GLU A 360 20.18 3.10 21.98
CA GLU A 360 19.82 2.80 20.58
C GLU A 360 21.00 2.11 19.90
N GLU A 361 22.21 2.62 20.10
CA GLU A 361 23.41 2.02 19.50
C GLU A 361 23.61 0.58 19.98
N VAL A 362 23.50 0.37 21.30
CA VAL A 362 23.65 -0.99 21.89
C VAL A 362 22.61 -1.95 21.27
N SER A 363 21.36 -1.49 21.08
CA SER A 363 20.30 -2.33 20.51
C SER A 363 20.65 -2.81 19.10
N ILE A 364 21.07 -1.86 18.26
CA ILE A 364 21.45 -2.14 16.87
C ILE A 364 22.73 -2.99 16.83
N GLU A 365 23.73 -2.64 17.66
CA GLU A 365 25.00 -3.39 17.68
C GLU A 365 24.79 -4.84 18.11
N THR A 366 23.88 -5.08 19.07
CA THR A 366 23.62 -6.45 19.56
C THR A 366 23.16 -7.33 18.43
N ILE A 367 22.18 -6.83 17.65
CA ILE A 367 21.62 -7.53 16.48
C ILE A 367 22.68 -7.68 15.41
N GLU A 368 23.46 -6.63 15.17
CA GLU A 368 24.52 -6.66 14.15
C GLU A 368 25.63 -7.62 14.51
N ALA A 369 25.83 -7.90 15.81
CA ALA A 369 26.80 -8.91 16.26
C ALA A 369 26.19 -10.33 16.23
N GLY A 370 24.97 -10.50 15.67
CA GLY A 370 24.36 -11.80 15.49
C GLY A 370 23.49 -12.31 16.62
N PHE A 371 23.14 -11.45 17.63
CA PHE A 371 22.28 -11.84 18.75
C PHE A 371 20.92 -11.22 18.48
N MET A 372 19.90 -12.05 18.27
CA MET A 372 18.60 -11.48 17.92
C MET A 372 17.48 -12.41 18.22
N THR A 373 16.24 -11.89 18.15
CA THR A 373 15.03 -12.68 18.34
C THR A 373 14.73 -13.43 17.04
N LYS A 374 13.85 -14.44 17.14
CA LYS A 374 13.52 -15.37 16.03
C LYS A 374 13.07 -14.64 14.75
N ASP A 375 12.19 -13.62 14.91
CA ASP A 375 11.71 -12.83 13.77
C ASP A 375 12.89 -12.25 12.95
N LEU A 376 13.96 -11.77 13.62
CA LEU A 376 15.09 -11.20 12.91
C LEU A 376 15.94 -12.28 12.29
N ALA A 377 16.12 -13.43 12.99
CA ALA A 377 16.88 -14.55 12.43
C ALA A 377 16.15 -15.05 11.16
N ALA A 378 14.79 -15.09 11.18
CA ALA A 378 14.00 -15.46 9.99
C ALA A 378 14.18 -14.45 8.85
N CYS A 379 14.35 -13.15 9.13
CA CYS A 379 14.65 -12.17 8.08
C CYS A 379 15.93 -12.49 7.35
N ILE A 380 16.95 -12.96 8.07
CA ILE A 380 18.23 -13.28 7.45
C ILE A 380 18.18 -14.64 6.75
N LYS A 381 17.87 -15.71 7.52
CA LYS A 381 17.92 -17.10 7.04
C LYS A 381 16.68 -17.60 6.29
N GLY A 382 15.51 -17.00 6.48
CA GLY A 382 14.24 -17.53 5.98
C GLY A 382 13.67 -18.39 7.09
N LEU A 383 12.42 -18.16 7.49
CA LEU A 383 11.77 -18.85 8.61
C LEU A 383 11.98 -20.38 8.62
N PRO A 384 11.78 -21.10 7.48
CA PRO A 384 12.04 -22.57 7.50
C PRO A 384 13.43 -23.00 7.90
N ASN A 385 14.44 -22.16 7.63
CA ASN A 385 15.84 -22.49 7.93
C ASN A 385 16.31 -22.05 9.33
N VAL A 386 15.42 -21.45 10.16
CA VAL A 386 15.81 -20.97 11.47
C VAL A 386 15.89 -22.16 12.45
N GLN A 387 17.02 -22.32 13.13
CA GLN A 387 17.19 -23.31 14.19
C GLN A 387 17.30 -22.57 15.52
N ARG A 388 17.08 -23.28 16.64
CA ARG A 388 17.09 -22.66 17.98
C ARG A 388 18.37 -21.88 18.28
N SER A 389 19.49 -22.37 17.79
CA SER A 389 20.79 -21.72 17.98
C SER A 389 20.96 -20.41 17.20
N ASP A 390 20.04 -20.07 16.26
CA ASP A 390 20.09 -18.79 15.51
C ASP A 390 19.50 -17.62 16.26
N TYR A 391 18.80 -17.86 17.39
CA TYR A 391 18.14 -16.74 18.08
C TYR A 391 18.13 -16.90 19.58
N LEU A 392 17.75 -15.81 20.24
CA LEU A 392 17.63 -15.75 21.70
C LEU A 392 16.14 -15.64 22.04
N ASN A 393 15.73 -16.23 23.16
CA ASN A 393 14.34 -16.10 23.61
C ASN A 393 14.14 -14.66 24.15
N THR A 394 12.91 -14.31 24.52
CA THR A 394 12.61 -12.94 24.99
C THR A 394 13.50 -12.48 26.16
N PHE A 395 13.70 -13.36 27.14
CA PHE A 395 14.46 -13.06 28.35
C PHE A 395 15.96 -13.08 28.08
N GLU A 396 16.44 -14.02 27.26
CA GLU A 396 17.87 -14.08 26.88
C GLU A 396 18.24 -12.81 26.07
N PHE A 397 17.38 -12.38 25.16
CA PHE A 397 17.66 -11.19 24.35
C PHE A 397 17.73 -9.93 25.24
N MET A 398 16.77 -9.75 26.17
CA MET A 398 16.81 -8.64 27.12
C MET A 398 18.05 -8.69 28.01
N ASP A 399 18.46 -9.88 28.45
CA ASP A 399 19.67 -10.01 29.26
C ASP A 399 20.90 -9.61 28.45
N LYS A 400 20.98 -10.05 27.19
CA LYS A 400 22.13 -9.71 26.33
C LYS A 400 22.23 -8.19 26.14
N LEU A 401 21.11 -7.53 25.88
CA LEU A 401 21.06 -6.08 25.72
C LEU A 401 21.52 -5.39 26.99
N GLY A 402 21.05 -5.86 28.13
CA GLY A 402 21.40 -5.33 29.44
C GLY A 402 22.89 -5.45 29.70
N GLU A 403 23.44 -6.61 29.41
CA GLU A 403 24.87 -6.89 29.54
C GLU A 403 25.67 -5.95 28.57
N ASN A 404 25.23 -5.80 27.31
CA ASN A 404 25.90 -4.93 26.32
C ASN A 404 25.77 -3.45 26.67
N LEU A 405 24.67 -3.06 27.31
CA LEU A 405 24.48 -1.67 27.73
C LEU A 405 25.43 -1.36 28.88
N LYS A 406 25.56 -2.30 29.84
CA LYS A 406 26.51 -2.12 30.94
C LYS A 406 27.94 -1.98 30.39
N ILE A 407 28.32 -2.82 29.39
CA ILE A 407 29.64 -2.75 28.76
C ILE A 407 29.85 -1.40 28.03
N LYS A 408 28.85 -0.94 27.26
CA LYS A 408 28.91 0.33 26.51
C LYS A 408 29.18 1.51 27.42
N LEU A 409 28.41 1.59 28.53
CA LEU A 409 28.54 2.66 29.51
C LEU A 409 29.82 2.54 30.33
N ALA A 410 30.31 1.29 30.59
CA ALA A 410 31.58 1.12 31.32
C ALA A 410 32.73 1.60 30.42
N GLN A 411 32.70 1.23 29.12
CA GLN A 411 33.75 1.63 28.18
C GLN A 411 33.79 3.15 28.01
N ALA A 412 32.61 3.81 28.02
CA ALA A 412 32.50 5.27 27.88
C ALA A 412 33.21 5.99 29.01
N LYS A 413 33.07 5.47 30.25
CA LYS A 413 33.77 6.01 31.43
C LYS A 413 35.27 5.73 31.33
N LEU A 414 35.68 4.52 30.86
CA LEU A 414 37.10 4.16 30.78
C LEU A 414 37.82 4.96 29.69
N SER A 415 37.09 5.40 28.64
CA SER A 415 37.67 6.22 27.58
C SER A 415 37.99 7.70 28.07
N LEU A 416 37.44 8.14 29.23
CA LEU A 416 37.71 9.48 29.79
C LEU A 416 39.17 9.68 30.26
N GLU A 417 39.66 10.94 30.15
CA GLU A 417 41.01 11.41 30.50
C GLU A 417 41.98 11.05 29.40
N LYS B 3 2.57 -23.41 -43.38
CA LYS B 3 3.40 -23.81 -42.24
C LYS B 3 3.09 -23.04 -40.93
N LYS B 4 2.60 -21.78 -41.00
CA LYS B 4 2.34 -20.99 -39.77
C LYS B 4 1.13 -21.53 -39.01
N ILE B 5 1.09 -21.28 -37.71
CA ILE B 5 -0.02 -21.73 -36.86
C ILE B 5 -1.25 -20.88 -37.20
N SER B 6 -2.42 -21.52 -37.31
CA SER B 6 -3.65 -20.80 -37.56
C SER B 6 -4.09 -20.26 -36.20
N GLY B 7 -3.86 -18.98 -35.96
CA GLY B 7 -4.14 -18.35 -34.68
C GLY B 7 -5.60 -18.04 -34.39
N GLY B 8 -6.35 -17.64 -35.40
CA GLY B 8 -7.75 -17.28 -35.23
C GLY B 8 -7.98 -15.81 -34.99
N SER B 9 -9.19 -15.47 -34.49
CA SER B 9 -9.63 -14.09 -34.28
C SER B 9 -9.08 -13.43 -33.01
N VAL B 10 -8.34 -12.33 -33.18
CA VAL B 10 -7.75 -11.57 -32.07
C VAL B 10 -7.96 -10.07 -32.33
N VAL B 11 -8.48 -9.34 -31.34
CA VAL B 11 -8.63 -7.89 -31.46
C VAL B 11 -7.30 -7.30 -31.01
N GLU B 12 -6.76 -6.39 -31.79
CA GLU B 12 -5.47 -5.78 -31.52
C GLU B 12 -5.68 -4.28 -31.39
N MET B 13 -5.13 -3.68 -30.34
CA MET B 13 -5.24 -2.24 -30.13
C MET B 13 -3.85 -1.67 -30.12
N GLN B 14 -3.51 -0.86 -31.12
CA GLN B 14 -2.21 -0.24 -31.22
C GLN B 14 -2.19 0.95 -30.30
N GLY B 15 -1.04 1.31 -29.81
CA GLY B 15 -0.91 2.37 -28.81
C GLY B 15 0.03 3.49 -29.16
N ASP B 16 0.76 3.98 -28.15
CA ASP B 16 1.58 5.17 -28.28
C ASP B 16 3.02 5.02 -27.91
N GLU B 17 3.79 6.01 -28.35
CA GLU B 17 5.19 6.28 -28.03
C GLU B 17 6.10 5.02 -28.03
N MET B 18 6.91 4.75 -26.96
CA MET B 18 7.88 3.65 -27.00
C MET B 18 7.21 2.28 -27.11
N THR B 19 6.08 2.05 -26.41
CA THR B 19 5.37 0.76 -26.47
C THR B 19 4.84 0.48 -27.90
N ARG B 20 4.45 1.52 -28.68
CA ARG B 20 4.04 1.35 -30.08
C ARG B 20 5.22 0.78 -30.94
N ILE B 21 6.47 1.23 -30.67
CA ILE B 21 7.67 0.71 -31.36
C ILE B 21 7.91 -0.76 -30.97
N ILE B 22 7.93 -1.06 -29.67
CA ILE B 22 8.10 -2.42 -29.19
C ILE B 22 6.99 -3.35 -29.69
N TRP B 23 5.75 -2.86 -29.72
CA TRP B 23 4.59 -3.61 -30.18
C TRP B 23 4.82 -4.13 -31.61
N GLU B 24 5.32 -3.27 -32.52
CA GLU B 24 5.63 -3.67 -33.89
C GLU B 24 6.80 -4.65 -33.93
N LEU B 25 7.82 -4.48 -33.06
CA LEU B 25 8.94 -5.45 -33.01
C LEU B 25 8.43 -6.81 -32.60
N ILE B 26 7.47 -6.86 -31.64
CA ILE B 26 6.92 -8.12 -31.16
C ILE B 26 6.21 -8.82 -32.29
N LYS B 27 5.35 -8.09 -33.01
CA LYS B 27 4.61 -8.66 -34.12
C LYS B 27 5.53 -9.17 -35.23
N GLU B 28 6.50 -8.35 -35.63
CA GLU B 28 7.40 -8.71 -36.71
C GLU B 28 8.33 -9.84 -36.34
N LYS B 29 8.90 -9.81 -35.15
CA LYS B 29 9.91 -10.79 -34.81
C LYS B 29 9.44 -12.01 -34.05
N LEU B 30 8.42 -11.88 -33.18
CA LEU B 30 7.98 -12.99 -32.32
C LEU B 30 6.66 -13.63 -32.71
N ILE B 31 5.70 -12.88 -33.28
CA ILE B 31 4.38 -13.45 -33.59
C ILE B 31 4.20 -13.85 -35.07
N PHE B 32 4.25 -12.86 -35.99
CA PHE B 32 3.97 -13.09 -37.41
C PHE B 32 4.86 -14.12 -38.11
N PRO B 33 6.13 -14.37 -37.72
CA PRO B 33 6.87 -15.45 -38.40
C PRO B 33 6.31 -16.85 -38.10
N TYR B 34 5.55 -17.02 -36.99
CA TYR B 34 5.04 -18.33 -36.57
C TYR B 34 3.53 -18.50 -36.56
N VAL B 35 2.75 -17.41 -36.44
CA VAL B 35 1.28 -17.47 -36.34
C VAL B 35 0.63 -16.59 -37.41
N GLU B 36 -0.48 -17.07 -37.99
CA GLU B 36 -1.30 -16.31 -38.94
C GLU B 36 -2.53 -15.98 -38.15
N LEU B 37 -2.90 -14.71 -38.10
CA LEU B 37 -4.05 -14.28 -37.31
C LEU B 37 -5.04 -13.49 -38.11
N ASP B 38 -6.33 -13.57 -37.72
N ASP B 38 -6.31 -13.57 -37.71
CA ASP B 38 -7.41 -12.78 -38.31
CA ASP B 38 -7.39 -12.77 -38.28
C ASP B 38 -7.50 -11.56 -37.38
C ASP B 38 -7.44 -11.59 -37.33
N LEU B 39 -6.53 -10.64 -37.53
CA LEU B 39 -6.42 -9.47 -36.67
C LEU B 39 -7.49 -8.43 -36.94
N HIS B 40 -8.21 -8.03 -35.88
CA HIS B 40 -9.19 -6.95 -35.95
C HIS B 40 -8.49 -5.79 -35.26
N SER B 41 -7.74 -5.00 -36.04
CA SER B 41 -6.89 -3.92 -35.53
C SER B 41 -7.61 -2.61 -35.34
N TYR B 42 -7.39 -1.97 -34.19
CA TYR B 42 -7.96 -0.66 -33.88
C TYR B 42 -6.80 0.21 -33.47
N ASP B 43 -6.60 1.35 -34.11
CA ASP B 43 -5.49 2.21 -33.75
C ASP B 43 -5.90 3.08 -32.58
N LEU B 44 -5.47 2.71 -31.35
CA LEU B 44 -5.76 3.53 -30.17
C LEU B 44 -4.65 4.54 -29.90
N GLY B 45 -3.87 4.89 -30.93
CA GLY B 45 -2.87 5.94 -30.84
C GLY B 45 -3.58 7.25 -30.55
N ILE B 46 -2.94 8.13 -29.81
CA ILE B 46 -3.54 9.38 -29.34
C ILE B 46 -4.14 10.24 -30.45
N GLU B 47 -3.45 10.41 -31.59
CA GLU B 47 -4.01 11.27 -32.66
C GLU B 47 -5.14 10.57 -33.43
N ASN B 48 -5.17 9.21 -33.54
CA ASN B 48 -6.34 8.56 -34.15
C ASN B 48 -7.50 8.57 -33.17
N ARG B 49 -7.24 8.51 -31.85
CA ARG B 49 -8.31 8.61 -30.85
C ARG B 49 -8.93 10.01 -30.96
N ASP B 50 -8.09 11.05 -31.10
CA ASP B 50 -8.56 12.43 -31.25
C ASP B 50 -9.29 12.59 -32.58
N ALA B 51 -8.78 11.98 -33.68
CA ALA B 51 -9.42 12.07 -35.01
C ALA B 51 -10.81 11.45 -35.07
N THR B 52 -11.06 10.38 -34.30
CA THR B 52 -12.37 9.71 -34.24
C THR B 52 -13.17 10.14 -33.00
N ASN B 53 -12.75 11.19 -32.27
CA ASN B 53 -13.37 11.66 -31.03
C ASN B 53 -13.55 10.52 -29.98
N ASP B 54 -12.53 9.66 -29.90
CA ASP B 54 -12.44 8.50 -29.02
C ASP B 54 -13.43 7.37 -29.34
N GLN B 55 -14.01 7.37 -30.56
CA GLN B 55 -14.95 6.33 -30.98
C GLN B 55 -14.21 5.01 -31.21
N VAL B 56 -12.98 5.11 -31.71
CA VAL B 56 -12.13 3.95 -31.96
C VAL B 56 -11.98 3.09 -30.69
N THR B 57 -11.84 3.75 -29.50
CA THR B 57 -11.73 3.07 -28.20
C THR B 57 -12.97 2.22 -27.95
N LYS B 58 -14.16 2.83 -28.16
CA LYS B 58 -15.47 2.16 -27.98
C LYS B 58 -15.65 1.03 -28.98
N ASP B 59 -15.26 1.25 -30.25
CA ASP B 59 -15.33 0.21 -31.28
C ASP B 59 -14.44 -0.99 -30.92
N ALA B 60 -13.20 -0.72 -30.45
CA ALA B 60 -12.28 -1.78 -30.03
C ALA B 60 -12.90 -2.59 -28.89
N ALA B 61 -13.45 -1.90 -27.87
CA ALA B 61 -14.11 -2.56 -26.74
C ALA B 61 -15.24 -3.50 -27.23
N GLU B 62 -16.01 -3.05 -28.23
CA GLU B 62 -17.12 -3.84 -28.79
C GLU B 62 -16.59 -5.06 -29.57
N ALA B 63 -15.47 -4.89 -30.29
CA ALA B 63 -14.85 -5.99 -31.00
C ALA B 63 -14.34 -7.07 -30.02
N ILE B 64 -13.80 -6.67 -28.83
CA ILE B 64 -13.31 -7.66 -27.85
C ILE B 64 -14.51 -8.47 -27.36
N LYS B 65 -15.62 -7.79 -27.03
CA LYS B 65 -16.87 -8.44 -26.58
C LYS B 65 -17.33 -9.50 -27.63
N LYS B 66 -17.22 -9.15 -28.92
CA LYS B 66 -17.56 -10.02 -30.05
C LYS B 66 -16.62 -11.24 -30.24
N HIS B 67 -15.28 -11.03 -30.21
CA HIS B 67 -14.27 -12.07 -30.47
C HIS B 67 -13.66 -12.74 -29.25
N ASN B 68 -13.91 -12.20 -28.03
CA ASN B 68 -13.47 -12.73 -26.73
C ASN B 68 -11.94 -12.62 -26.43
N VAL B 69 -11.12 -12.08 -27.36
CA VAL B 69 -9.67 -11.98 -27.15
C VAL B 69 -9.20 -10.61 -27.62
N GLY B 70 -8.62 -9.86 -26.70
CA GLY B 70 -8.04 -8.54 -26.95
C GLY B 70 -6.60 -8.50 -26.50
N VAL B 71 -5.72 -7.88 -27.29
CA VAL B 71 -4.31 -7.68 -26.94
C VAL B 71 -4.07 -6.20 -27.18
N LYS B 72 -3.75 -5.44 -26.12
CA LYS B 72 -3.64 -4.00 -26.21
C LYS B 72 -2.26 -3.47 -25.88
N CYS B 73 -1.83 -2.45 -26.64
CA CYS B 73 -0.56 -1.75 -26.45
C CYS B 73 -0.83 -0.60 -25.46
N ALA B 74 0.17 -0.18 -24.67
CA ALA B 74 0.00 0.95 -23.73
C ALA B 74 -0.34 2.22 -24.50
N THR B 75 -1.25 3.02 -23.96
CA THR B 75 -1.74 4.22 -24.62
C THR B 75 -1.49 5.42 -23.73
N ILE B 76 -1.47 6.63 -24.30
CA ILE B 76 -1.31 7.85 -23.52
C ILE B 76 -2.68 8.13 -22.85
N THR B 77 -2.73 8.36 -21.52
CA THR B 77 -3.98 8.83 -20.88
C THR B 77 -3.79 10.37 -20.90
N PRO B 78 -4.59 11.14 -21.66
CA PRO B 78 -4.35 12.59 -21.73
C PRO B 78 -4.52 13.37 -20.44
N ASP B 79 -3.61 14.33 -20.24
CA ASP B 79 -3.65 15.31 -19.17
C ASP B 79 -3.53 16.68 -19.88
N GLU B 80 -3.39 17.80 -19.19
CA GLU B 80 -3.35 19.12 -19.86
C GLU B 80 -2.12 19.31 -20.75
N LYS B 81 -0.97 18.74 -20.36
CA LYS B 81 0.25 18.86 -21.18
C LYS B 81 0.02 18.16 -22.53
N ARG B 82 -0.64 16.96 -22.52
CA ARG B 82 -0.90 16.20 -23.75
C ARG B 82 -1.84 16.98 -24.66
N VAL B 83 -2.80 17.76 -24.10
CA VAL B 83 -3.67 18.62 -24.89
C VAL B 83 -2.80 19.67 -25.58
N GLU B 84 -1.86 20.30 -24.85
CA GLU B 84 -0.97 21.30 -25.46
C GLU B 84 -0.04 20.62 -26.49
N GLU B 85 0.43 19.38 -26.21
CA GLU B 85 1.35 18.64 -27.06
C GLU B 85 0.77 18.28 -28.42
N PHE B 86 -0.41 17.62 -28.42
CA PHE B 86 -1.07 17.13 -29.62
C PHE B 86 -2.23 18.03 -30.11
N LYS B 87 -2.50 19.18 -29.45
CA LYS B 87 -3.61 20.08 -29.82
C LYS B 87 -4.91 19.27 -29.89
N LEU B 88 -5.24 18.58 -28.79
CA LEU B 88 -6.42 17.72 -28.72
C LEU B 88 -7.73 18.54 -28.67
N LYS B 89 -8.89 17.86 -28.89
CA LYS B 89 -10.19 18.53 -28.83
C LYS B 89 -10.56 18.69 -27.35
N GLN B 90 -10.34 17.60 -26.60
CA GLN B 90 -10.63 17.55 -25.18
C GLN B 90 -9.77 16.49 -24.52
N MET B 91 -9.69 16.51 -23.17
N MET B 91 -9.70 16.51 -23.18
CA MET B 91 -8.90 15.51 -22.44
CA MET B 91 -8.93 15.54 -22.43
C MET B 91 -9.70 14.22 -22.46
C MET B 91 -9.71 14.23 -22.46
N TRP B 92 -9.44 13.38 -23.47
CA TRP B 92 -10.14 12.09 -23.65
C TRP B 92 -9.86 11.21 -22.43
N LYS B 93 -10.83 10.44 -22.00
CA LYS B 93 -10.60 9.63 -20.81
C LYS B 93 -9.73 8.42 -21.13
N SER B 94 -9.17 7.86 -20.08
CA SER B 94 -8.30 6.70 -20.16
C SER B 94 -8.95 5.59 -20.99
N PRO B 95 -8.31 5.10 -22.08
CA PRO B 95 -8.91 3.99 -22.84
C PRO B 95 -9.10 2.72 -22.00
N ASN B 96 -8.18 2.50 -21.05
CA ASN B 96 -8.19 1.35 -20.14
C ASN B 96 -9.49 1.36 -19.31
N GLY B 97 -9.82 2.55 -18.78
CA GLY B 97 -11.03 2.79 -18.02
C GLY B 97 -12.28 2.60 -18.86
N THR B 98 -12.28 3.14 -20.10
CA THR B 98 -13.41 3.02 -21.05
C THR B 98 -13.62 1.56 -21.45
N ILE B 99 -12.54 0.87 -21.83
CA ILE B 99 -12.64 -0.54 -22.22
C ILE B 99 -13.16 -1.42 -21.04
N ARG B 100 -12.57 -1.37 -19.84
CA ARG B 100 -13.08 -2.29 -18.81
C ARG B 100 -14.52 -1.94 -18.33
N ASN B 101 -14.98 -0.66 -18.53
CA ASN B 101 -16.35 -0.28 -18.20
C ASN B 101 -17.26 -1.04 -19.13
N ILE B 102 -17.01 -0.88 -20.46
CA ILE B 102 -17.82 -1.54 -21.49
C ILE B 102 -17.86 -3.10 -21.33
N LEU B 103 -16.74 -3.73 -20.95
CA LEU B 103 -16.69 -5.20 -20.82
C LEU B 103 -17.19 -5.74 -19.45
N GLY B 104 -17.20 -4.91 -18.40
CA GLY B 104 -17.60 -5.34 -17.06
C GLY B 104 -16.65 -6.34 -16.39
N GLY B 105 -15.37 -6.25 -16.69
CA GLY B 105 -14.39 -7.21 -16.16
C GLY B 105 -13.59 -6.73 -14.96
N THR B 106 -12.74 -7.62 -14.44
CA THR B 106 -11.83 -7.33 -13.35
C THR B 106 -10.42 -7.43 -13.94
N VAL B 107 -9.59 -6.44 -13.63
CA VAL B 107 -8.21 -6.40 -14.08
C VAL B 107 -7.33 -7.09 -13.06
N PHE B 108 -6.66 -8.17 -13.47
CA PHE B 108 -5.75 -8.89 -12.61
C PHE B 108 -4.33 -8.58 -13.06
N ARG B 109 -3.45 -8.18 -12.12
CA ARG B 109 -2.03 -7.89 -12.42
C ARG B 109 -1.20 -9.05 -12.04
N GLU B 110 -0.14 -9.31 -12.77
CA GLU B 110 0.79 -10.37 -12.44
C GLU B 110 2.22 -9.95 -12.78
N ALA B 111 3.17 -10.18 -11.86
CA ALA B 111 4.58 -9.93 -12.10
C ALA B 111 5.20 -11.17 -12.78
N ILE B 112 6.02 -10.99 -13.83
CA ILE B 112 6.67 -12.10 -14.52
C ILE B 112 7.93 -12.34 -13.69
N ILE B 113 8.16 -13.59 -13.28
CA ILE B 113 9.26 -13.95 -12.38
C ILE B 113 10.37 -14.67 -13.10
N CYS B 114 11.59 -14.27 -12.81
CA CYS B 114 12.81 -14.87 -13.29
C CYS B 114 13.63 -15.18 -12.05
N LYS B 115 14.17 -16.40 -11.96
CA LYS B 115 14.97 -16.88 -10.82
C LYS B 115 16.14 -15.98 -10.45
N ASN B 116 16.78 -15.34 -11.44
CA ASN B 116 17.92 -14.46 -11.18
C ASN B 116 17.53 -13.00 -10.83
N ILE B 117 16.25 -12.62 -10.93
CA ILE B 117 15.78 -11.27 -10.58
C ILE B 117 15.35 -11.35 -9.09
N PRO B 118 16.00 -10.61 -8.17
CA PRO B 118 15.61 -10.75 -6.74
C PRO B 118 14.16 -10.33 -6.46
N ARG B 119 13.46 -10.99 -5.58
CA ARG B 119 12.11 -10.50 -5.27
C ARG B 119 12.18 -9.64 -4.01
N LEU B 120 11.26 -8.66 -3.87
CA LEU B 120 11.08 -7.85 -2.65
C LEU B 120 11.01 -8.78 -1.46
N VAL B 121 10.33 -9.88 -1.65
CA VAL B 121 10.23 -10.86 -0.60
C VAL B 121 10.86 -12.15 -1.12
N SER B 122 11.99 -12.57 -0.55
CA SER B 122 12.71 -13.78 -0.99
C SER B 122 11.80 -15.01 -1.05
N GLY B 123 10.95 -15.18 -0.04
CA GLY B 123 9.99 -16.28 0.04
C GLY B 123 9.01 -16.45 -1.11
N TRP B 124 8.72 -15.39 -1.87
CA TRP B 124 7.75 -15.45 -2.97
C TRP B 124 8.25 -16.25 -4.16
N VAL B 125 8.05 -17.56 -4.14
CA VAL B 125 8.50 -18.42 -5.25
C VAL B 125 7.57 -18.35 -6.47
N LYS B 126 6.24 -18.31 -6.27
CA LYS B 126 5.26 -18.17 -7.36
C LYS B 126 4.75 -16.72 -7.34
N PRO B 127 4.35 -16.11 -8.47
CA PRO B 127 3.81 -14.75 -8.36
C PRO B 127 2.48 -14.70 -7.57
N ILE B 128 2.14 -13.50 -7.17
CA ILE B 128 0.88 -13.17 -6.52
C ILE B 128 0.11 -12.43 -7.60
N ILE B 129 -1.12 -12.85 -7.89
CA ILE B 129 -1.97 -12.23 -8.90
C ILE B 129 -2.95 -11.41 -8.12
N ILE B 130 -2.99 -10.10 -8.37
N ILE B 130 -2.98 -10.10 -8.37
CA ILE B 130 -3.89 -9.20 -7.64
CA ILE B 130 -3.76 -9.13 -7.62
C ILE B 130 -4.88 -8.57 -8.57
C ILE B 130 -4.84 -8.53 -8.55
N GLY B 131 -6.12 -8.54 -8.14
CA GLY B 131 -7.22 -7.94 -8.88
C GLY B 131 -7.87 -6.87 -8.04
N HIS B 132 -8.36 -5.79 -8.69
CA HIS B 132 -9.02 -4.70 -7.99
C HIS B 132 -10.40 -4.55 -8.54
N HIS B 133 -11.27 -3.96 -7.72
CA HIS B 133 -12.65 -3.75 -8.12
C HIS B 133 -12.77 -2.48 -8.98
N ALA B 134 -12.92 -2.63 -10.31
CA ALA B 134 -13.10 -1.50 -11.25
C ALA B 134 -12.19 -0.27 -10.97
N TYR B 135 -10.87 -0.54 -10.79
CA TYR B 135 -9.80 0.42 -10.49
C TYR B 135 -9.89 1.16 -9.12
N GLY B 136 -10.73 0.67 -8.20
CA GLY B 136 -10.86 1.24 -6.87
C GLY B 136 -11.99 2.24 -6.73
N ASP B 137 -12.51 2.35 -5.50
CA ASP B 137 -13.61 3.27 -5.18
C ASP B 137 -13.30 4.75 -5.39
N GLN B 138 -12.00 5.16 -5.44
CA GLN B 138 -11.66 6.57 -5.68
C GLN B 138 -12.36 7.12 -6.94
N TYR B 139 -12.62 6.24 -7.96
CA TYR B 139 -13.30 6.61 -9.20
C TYR B 139 -14.81 6.73 -9.09
N ARG B 140 -15.40 6.35 -7.94
CA ARG B 140 -16.84 6.39 -7.71
C ARG B 140 -17.12 7.35 -6.55
N ALA B 141 -16.37 8.47 -6.48
CA ALA B 141 -16.51 9.46 -5.41
C ALA B 141 -17.09 10.78 -5.92
N THR B 142 -17.89 11.44 -5.08
CA THR B 142 -18.41 12.78 -5.32
C THR B 142 -17.92 13.60 -4.12
N ASP B 143 -16.95 14.48 -4.33
CA ASP B 143 -16.32 15.26 -3.25
C ASP B 143 -16.53 16.76 -3.38
N PHE B 144 -16.49 17.45 -2.22
CA PHE B 144 -16.70 18.89 -2.18
C PHE B 144 -16.12 19.53 -0.91
N VAL B 145 -15.94 20.85 -0.96
CA VAL B 145 -15.48 21.64 0.18
C VAL B 145 -16.67 22.01 1.01
N VAL B 146 -16.57 21.84 2.34
CA VAL B 146 -17.57 22.30 3.29
C VAL B 146 -17.05 23.73 3.66
N PRO B 147 -17.69 24.82 3.18
CA PRO B 147 -17.14 26.17 3.42
C PRO B 147 -17.21 26.67 4.88
N GLY B 148 -18.12 26.12 5.67
CA GLY B 148 -18.27 26.57 7.04
C GLY B 148 -19.17 25.68 7.86
N PRO B 149 -19.56 26.14 9.06
CA PRO B 149 -20.38 25.28 9.94
C PRO B 149 -21.71 24.82 9.31
N GLY B 150 -22.16 23.64 9.72
CA GLY B 150 -23.39 23.04 9.21
C GLY B 150 -23.30 21.53 9.20
N LYS B 151 -24.43 20.86 9.01
CA LYS B 151 -24.39 19.39 9.00
C LYS B 151 -24.27 18.83 7.57
N VAL B 152 -23.46 17.76 7.41
CA VAL B 152 -23.28 17.03 6.16
C VAL B 152 -23.97 15.72 6.42
N GLU B 153 -24.92 15.39 5.56
CA GLU B 153 -25.73 14.20 5.68
C GLU B 153 -25.74 13.44 4.38
N ILE B 154 -25.90 12.13 4.48
CA ILE B 154 -25.99 11.27 3.30
C ILE B 154 -27.35 10.59 3.43
N THR B 155 -28.16 10.69 2.39
CA THR B 155 -29.53 10.18 2.41
C THR B 155 -29.76 9.18 1.31
N TYR B 156 -30.69 8.25 1.55
CA TYR B 156 -31.11 7.26 0.57
C TYR B 156 -32.63 7.42 0.41
N THR B 157 -33.08 7.70 -0.82
CA THR B 157 -34.51 7.89 -1.10
C THR B 157 -34.99 6.75 -2.02
N PRO B 158 -35.71 5.75 -1.45
CA PRO B 158 -36.18 4.62 -2.29
C PRO B 158 -37.02 5.06 -3.51
N SER B 159 -36.82 4.40 -4.68
CA SER B 159 -37.63 4.67 -5.88
C SER B 159 -39.11 4.29 -5.63
N ASP B 160 -39.35 3.25 -4.80
CA ASP B 160 -40.70 2.78 -4.49
C ASP B 160 -41.53 3.72 -3.56
N GLY B 161 -40.95 4.84 -3.11
CA GLY B 161 -41.64 5.80 -2.27
C GLY B 161 -41.63 5.51 -0.79
N THR B 162 -40.89 4.47 -0.34
CA THR B 162 -40.71 4.13 1.08
C THR B 162 -39.96 5.30 1.80
N GLN B 163 -40.02 5.34 3.15
CA GLN B 163 -39.42 6.42 3.93
C GLN B 163 -37.93 6.51 3.71
N LYS B 164 -37.45 7.74 3.42
CA LYS B 164 -36.05 7.98 3.19
C LYS B 164 -35.27 7.74 4.48
N VAL B 165 -34.02 7.32 4.34
CA VAL B 165 -33.12 7.12 5.46
C VAL B 165 -32.01 8.16 5.32
N THR B 166 -31.71 8.86 6.41
CA THR B 166 -30.69 9.90 6.48
C THR B 166 -29.67 9.45 7.47
N TYR B 167 -28.40 9.64 7.12
CA TYR B 167 -27.30 9.30 7.99
C TYR B 167 -26.43 10.55 8.16
N LEU B 168 -26.06 10.88 9.40
CA LEU B 168 -25.18 12.02 9.64
C LEU B 168 -23.73 11.62 9.30
N VAL B 169 -23.10 12.34 8.33
CA VAL B 169 -21.71 12.11 7.97
C VAL B 169 -20.91 12.88 9.05
N HIS B 170 -21.24 14.16 9.23
CA HIS B 170 -20.59 14.97 10.26
C HIS B 170 -21.29 16.28 10.49
N ASN B 171 -21.41 16.68 11.76
CA ASN B 171 -21.89 18.00 12.11
C ASN B 171 -20.64 18.89 12.29
N PHE B 172 -20.39 19.81 11.32
CA PHE B 172 -19.28 20.76 11.36
C PHE B 172 -19.74 21.88 12.29
N GLU B 173 -19.39 21.82 13.60
CA GLU B 173 -19.86 22.81 14.59
C GLU B 173 -19.17 24.17 14.44
N GLU B 174 -17.85 24.17 14.22
CA GLU B 174 -17.07 25.39 13.98
C GLU B 174 -16.09 25.09 12.86
N GLY B 175 -15.91 26.07 11.99
CA GLY B 175 -15.10 25.96 10.78
C GLY B 175 -15.68 25.02 9.74
N GLY B 176 -14.92 24.84 8.65
CA GLY B 176 -15.31 23.97 7.56
C GLY B 176 -14.44 22.72 7.45
N GLY B 177 -14.30 22.25 6.22
CA GLY B 177 -13.55 21.04 5.92
C GLY B 177 -13.86 20.55 4.54
N VAL B 178 -13.92 19.22 4.41
CA VAL B 178 -14.26 18.55 3.15
C VAL B 178 -15.18 17.40 3.45
N ALA B 179 -15.89 16.93 2.44
CA ALA B 179 -16.78 15.79 2.59
C ALA B 179 -16.94 15.12 1.23
N MET B 180 -17.27 13.83 1.25
CA MET B 180 -17.46 13.09 0.00
C MET B 180 -18.35 11.86 0.20
N GLY B 181 -18.91 11.40 -0.90
CA GLY B 181 -19.76 10.22 -0.98
C GLY B 181 -19.17 9.25 -1.98
N MET B 182 -19.16 7.96 -1.63
CA MET B 182 -18.68 6.87 -2.49
C MET B 182 -19.77 5.81 -2.51
N TYR B 183 -19.72 4.93 -3.51
CA TYR B 183 -20.71 3.85 -3.67
C TYR B 183 -20.19 2.67 -4.49
N ASN B 184 -20.98 1.62 -4.50
CA ASN B 184 -20.77 0.45 -5.35
C ASN B 184 -22.13 -0.17 -5.59
N GLN B 185 -22.36 -0.68 -6.79
CA GLN B 185 -23.60 -1.40 -7.14
C GLN B 185 -23.38 -2.88 -6.87
N ASP B 186 -24.41 -3.60 -6.42
CA ASP B 186 -24.34 -5.06 -6.18
C ASP B 186 -23.84 -5.83 -7.39
N LYS B 187 -24.38 -5.51 -8.57
CA LYS B 187 -24.01 -6.21 -9.81
C LYS B 187 -22.49 -6.13 -10.06
N SER B 188 -21.90 -4.97 -9.79
CA SER B 188 -20.48 -4.75 -9.98
C SER B 188 -19.66 -5.65 -9.00
N ILE B 189 -20.13 -5.78 -7.76
CA ILE B 189 -19.50 -6.62 -6.74
C ILE B 189 -19.63 -8.11 -7.14
N GLU B 190 -20.81 -8.50 -7.65
CA GLU B 190 -21.09 -9.86 -8.11
C GLU B 190 -20.17 -10.21 -9.30
N ASP B 191 -20.01 -9.29 -10.27
CA ASP B 191 -19.11 -9.49 -11.42
C ASP B 191 -17.67 -9.70 -10.94
N PHE B 192 -17.25 -8.90 -9.95
CA PHE B 192 -15.94 -8.94 -9.32
C PHE B 192 -15.71 -10.31 -8.66
N ALA B 193 -16.70 -10.82 -7.91
CA ALA B 193 -16.66 -12.15 -7.30
C ALA B 193 -16.53 -13.22 -8.40
N HIS B 194 -17.46 -13.22 -9.39
CA HIS B 194 -17.44 -14.23 -10.48
C HIS B 194 -16.11 -14.22 -11.22
N SER B 195 -15.61 -13.04 -11.60
CA SER B 195 -14.31 -12.91 -12.30
C SER B 195 -13.18 -13.48 -11.44
N SER B 196 -13.19 -13.18 -10.13
CA SER B 196 -12.18 -13.67 -9.19
C SER B 196 -12.24 -15.20 -9.05
N PHE B 197 -13.43 -15.77 -8.89
CA PHE B 197 -13.58 -17.24 -8.81
C PHE B 197 -13.14 -17.92 -10.08
N GLN B 198 -13.50 -17.35 -11.25
CA GLN B 198 -13.08 -17.91 -12.54
C GLN B 198 -11.58 -17.84 -12.72
N MET B 199 -10.94 -16.73 -12.33
CA MET B 199 -9.49 -16.56 -12.41
C MET B 199 -8.80 -17.65 -11.52
N ALA B 200 -9.26 -17.85 -10.28
CA ALA B 200 -8.70 -18.85 -9.37
C ALA B 200 -8.85 -20.28 -9.93
N LEU B 201 -10.03 -20.61 -10.50
CA LEU B 201 -10.23 -21.94 -11.11
C LEU B 201 -9.36 -22.16 -12.35
N SER B 202 -9.20 -21.12 -13.18
CA SER B 202 -8.39 -21.24 -14.39
C SER B 202 -6.88 -21.40 -14.03
N LYS B 203 -6.43 -20.83 -12.90
CA LYS B 203 -5.02 -20.95 -12.47
C LYS B 203 -4.77 -22.19 -11.63
N GLY B 204 -5.80 -22.68 -10.95
CA GLY B 204 -5.65 -23.76 -10.00
C GLY B 204 -4.95 -23.25 -8.75
N TRP B 205 -5.23 -22.00 -8.35
CA TRP B 205 -4.63 -21.37 -7.15
C TRP B 205 -5.75 -20.91 -6.20
N PRO B 206 -5.50 -20.87 -4.88
CA PRO B 206 -6.54 -20.36 -3.96
C PRO B 206 -6.82 -18.86 -4.14
N LEU B 207 -7.97 -18.41 -3.69
CA LEU B 207 -8.40 -17.03 -3.81
C LEU B 207 -8.65 -16.44 -2.46
N TYR B 208 -8.19 -15.22 -2.24
CA TYR B 208 -8.52 -14.47 -1.05
C TYR B 208 -9.17 -13.19 -1.44
N LEU B 209 -10.21 -12.77 -0.70
CA LEU B 209 -10.80 -11.44 -0.85
C LEU B 209 -10.30 -10.67 0.39
N SER B 210 -9.81 -9.43 0.23
CA SER B 210 -9.49 -8.61 1.40
C SER B 210 -10.39 -7.40 1.45
N THR B 211 -10.82 -7.03 2.66
CA THR B 211 -11.63 -5.81 2.87
C THR B 211 -11.22 -5.23 4.23
N LYS B 212 -11.82 -4.10 4.61
CA LYS B 212 -11.64 -3.47 5.93
C LYS B 212 -12.99 -3.60 6.65
N ASN B 213 -13.59 -4.81 6.65
CA ASN B 213 -14.94 -5.03 7.21
C ASN B 213 -15.02 -4.83 8.74
N THR B 214 -13.90 -4.72 9.45
CA THR B 214 -13.91 -4.35 10.86
C THR B 214 -14.34 -2.88 11.04
N ILE B 215 -14.11 -1.99 10.04
CA ILE B 215 -14.42 -0.55 10.12
C ILE B 215 -15.62 -0.23 9.27
N LEU B 216 -15.58 -0.60 7.99
CA LEU B 216 -16.72 -0.40 7.10
C LEU B 216 -17.56 -1.68 7.16
N LYS B 217 -18.22 -1.86 8.30
CA LYS B 217 -19.01 -3.06 8.59
C LYS B 217 -20.11 -3.32 7.58
N LYS B 218 -20.78 -2.27 7.10
CA LYS B 218 -21.86 -2.41 6.12
C LYS B 218 -21.27 -2.45 4.71
N TYR B 219 -20.45 -1.45 4.34
CA TYR B 219 -19.90 -1.28 2.99
C TYR B 219 -19.02 -2.48 2.56
N ASP B 220 -18.03 -2.79 3.38
CA ASP B 220 -17.12 -3.91 3.10
C ASP B 220 -17.77 -5.24 3.45
N GLY B 221 -18.68 -5.26 4.43
CA GLY B 221 -19.43 -6.47 4.77
C GLY B 221 -20.20 -6.99 3.57
N ARG B 222 -20.72 -6.07 2.71
CA ARG B 222 -21.46 -6.46 1.50
C ARG B 222 -20.55 -7.26 0.53
N PHE B 223 -19.28 -6.85 0.37
CA PHE B 223 -18.34 -7.57 -0.50
C PHE B 223 -18.13 -8.98 0.06
N LYS B 224 -17.86 -9.09 1.37
CA LYS B 224 -17.66 -10.40 2.03
C LYS B 224 -18.89 -11.30 1.80
N ASP B 225 -20.12 -10.75 1.99
CA ASP B 225 -21.37 -11.52 1.82
C ASP B 225 -21.61 -11.96 0.39
N ILE B 226 -21.47 -11.04 -0.57
CA ILE B 226 -21.68 -11.39 -1.98
C ILE B 226 -20.67 -12.48 -2.40
N PHE B 227 -19.39 -12.32 -2.05
CA PHE B 227 -18.40 -13.34 -2.43
C PHE B 227 -18.75 -14.70 -1.82
N GLN B 228 -19.08 -14.72 -0.52
CA GLN B 228 -19.40 -15.99 0.15
C GLN B 228 -20.63 -16.63 -0.44
N GLU B 229 -21.67 -15.84 -0.73
CA GLU B 229 -22.92 -16.35 -1.33
C GLU B 229 -22.62 -17.02 -2.65
N ILE B 230 -21.94 -16.31 -3.57
CA ILE B 230 -21.63 -16.83 -4.88
C ILE B 230 -20.75 -18.09 -4.75
N TYR B 231 -19.71 -18.03 -3.90
CA TYR B 231 -18.82 -19.19 -3.69
C TYR B 231 -19.57 -20.47 -3.29
N ASP B 232 -20.36 -20.39 -2.22
CA ASP B 232 -21.15 -21.52 -1.70
C ASP B 232 -22.09 -22.09 -2.73
N LYS B 233 -22.81 -21.24 -3.42
CA LYS B 233 -23.77 -21.75 -4.36
C LYS B 233 -23.11 -22.38 -5.59
N GLN B 234 -22.10 -21.70 -6.20
CA GLN B 234 -21.59 -22.10 -7.52
C GLN B 234 -20.20 -22.65 -7.62
N TYR B 235 -19.29 -22.26 -6.74
CA TYR B 235 -17.87 -22.61 -6.94
C TYR B 235 -17.22 -23.55 -5.90
N LYS B 236 -17.77 -23.70 -4.68
CA LYS B 236 -17.14 -24.48 -3.60
C LYS B 236 -16.68 -25.91 -4.02
N SER B 237 -17.56 -26.70 -4.64
CA SER B 237 -17.18 -28.04 -5.12
C SER B 237 -16.09 -28.02 -6.14
N GLN B 238 -16.13 -27.03 -7.04
CA GLN B 238 -15.14 -26.92 -8.12
C GLN B 238 -13.78 -26.59 -7.52
N PHE B 239 -13.75 -25.73 -6.50
CA PHE B 239 -12.49 -25.37 -5.82
C PHE B 239 -11.96 -26.62 -5.08
N GLU B 240 -12.82 -27.30 -4.33
CA GLU B 240 -12.45 -28.50 -3.58
C GLU B 240 -11.84 -29.54 -4.50
N ALA B 241 -12.43 -29.73 -5.70
CA ALA B 241 -11.96 -30.69 -6.69
C ALA B 241 -10.49 -30.43 -7.08
N GLN B 242 -10.10 -29.15 -7.18
CA GLN B 242 -8.73 -28.74 -7.50
C GLN B 242 -7.86 -28.52 -6.25
N LYS B 243 -8.36 -28.87 -5.04
CA LYS B 243 -7.65 -28.66 -3.77
C LYS B 243 -7.25 -27.21 -3.56
N ILE B 244 -8.19 -26.29 -3.83
CA ILE B 244 -8.00 -24.85 -3.62
C ILE B 244 -9.17 -24.42 -2.79
N TRP B 245 -9.14 -23.19 -2.32
CA TRP B 245 -10.17 -22.69 -1.43
C TRP B 245 -10.33 -21.22 -1.66
N TYR B 246 -11.40 -20.65 -1.11
CA TYR B 246 -11.67 -19.23 -1.14
C TYR B 246 -11.85 -18.78 0.29
N GLU B 247 -11.25 -17.67 0.71
CA GLU B 247 -11.48 -17.15 2.06
C GLU B 247 -11.43 -15.66 2.04
N HIS B 248 -12.27 -15.04 2.88
CA HIS B 248 -12.22 -13.61 3.08
C HIS B 248 -11.12 -13.38 4.15
N ARG B 249 -10.41 -12.26 4.03
CA ARG B 249 -9.39 -11.88 4.97
C ARG B 249 -9.53 -10.40 5.25
N LEU B 250 -9.42 -10.00 6.50
CA LEU B 250 -9.33 -8.57 6.83
C LEU B 250 -7.97 -8.16 6.17
N ILE B 251 -7.90 -7.00 5.50
CA ILE B 251 -6.65 -6.55 4.84
C ILE B 251 -5.41 -6.64 5.78
N ASP B 252 -5.57 -6.29 7.06
CA ASP B 252 -4.48 -6.37 8.08
C ASP B 252 -3.85 -7.77 8.08
N ASP B 253 -4.71 -8.82 8.13
CA ASP B 253 -4.25 -10.22 8.12
C ASP B 253 -3.75 -10.64 6.75
N MET B 254 -4.44 -10.19 5.68
CA MET B 254 -4.01 -10.55 4.34
C MET B 254 -2.57 -10.09 4.04
N VAL B 255 -2.25 -8.84 4.41
CA VAL B 255 -0.90 -8.32 4.12
C VAL B 255 0.14 -9.13 4.88
N ALA B 256 -0.08 -9.36 6.20
CA ALA B 256 0.84 -10.16 7.02
C ALA B 256 0.96 -11.56 6.42
N GLN B 257 -0.17 -12.20 6.10
CA GLN B 257 -0.16 -13.53 5.45
C GLN B 257 0.61 -13.52 4.11
N ALA B 258 0.33 -12.59 3.21
CA ALA B 258 1.00 -12.52 1.90
C ALA B 258 2.50 -12.39 2.06
N MET B 259 2.94 -11.57 3.02
CA MET B 259 4.37 -11.39 3.29
C MET B 259 5.06 -12.66 3.82
N LYS B 260 4.35 -13.54 4.53
CA LYS B 260 4.91 -14.80 5.05
C LYS B 260 4.65 -15.99 4.12
N SER B 261 3.98 -15.78 2.99
CA SER B 261 3.63 -16.86 2.04
C SER B 261 4.71 -17.11 0.97
N GLU B 262 4.49 -18.13 0.12
CA GLU B 262 5.37 -18.43 -1.00
C GLU B 262 4.82 -17.88 -2.32
N GLY B 263 3.78 -17.04 -2.24
CA GLY B 263 3.08 -16.51 -3.40
C GLY B 263 2.18 -17.62 -3.92
N GLY B 264 1.76 -17.51 -5.17
CA GLY B 264 0.93 -18.55 -5.78
C GLY B 264 -0.53 -18.53 -5.35
N PHE B 265 -1.14 -17.34 -5.32
CA PHE B 265 -2.56 -17.22 -4.99
C PHE B 265 -3.16 -16.03 -5.71
N ILE B 266 -4.47 -16.01 -5.81
CA ILE B 266 -5.23 -14.89 -6.38
C ILE B 266 -5.72 -14.04 -5.22
N TRP B 267 -5.67 -12.73 -5.37
CA TRP B 267 -6.05 -11.81 -4.33
C TRP B 267 -7.02 -10.77 -4.95
N ALA B 268 -8.30 -10.83 -4.56
CA ALA B 268 -9.30 -9.85 -4.97
C ALA B 268 -9.20 -8.77 -3.87
N CYS B 269 -8.62 -7.63 -4.21
CA CYS B 269 -8.34 -6.58 -3.25
C CYS B 269 -9.39 -5.51 -3.37
N LYS B 270 -10.26 -5.40 -2.34
CA LYS B 270 -11.25 -4.34 -2.33
C LYS B 270 -10.52 -3.16 -1.69
N ASN B 271 -10.40 -2.07 -2.43
CA ASN B 271 -9.68 -0.91 -1.94
C ASN B 271 -10.13 0.35 -2.67
N TYR B 272 -9.47 1.47 -2.37
CA TYR B 272 -9.81 2.78 -2.94
C TYR B 272 -9.02 3.10 -4.20
N ASP B 273 -7.74 2.74 -4.25
CA ASP B 273 -6.87 3.05 -5.37
C ASP B 273 -6.31 1.78 -6.03
N GLY B 274 -6.84 1.44 -7.20
CA GLY B 274 -6.44 0.28 -7.97
C GLY B 274 -5.39 0.61 -9.03
N ASP B 275 -4.80 1.82 -9.01
CA ASP B 275 -3.77 2.20 -9.99
C ASP B 275 -2.48 1.51 -9.63
N VAL B 276 -1.82 0.85 -10.60
CA VAL B 276 -0.54 0.20 -10.36
C VAL B 276 0.54 1.18 -9.90
N GLN B 277 0.47 2.44 -10.40
CA GLN B 277 1.47 3.50 -10.13
C GLN B 277 1.61 3.82 -8.64
N SER B 278 0.54 3.69 -7.88
CA SER B 278 0.59 4.01 -6.46
C SER B 278 0.75 2.75 -5.58
N ASP B 279 0.99 1.57 -6.19
CA ASP B 279 1.16 0.33 -5.44
C ASP B 279 2.66 0.19 -5.20
N SER B 280 3.09 0.31 -3.95
CA SER B 280 4.48 0.28 -3.55
C SER B 280 5.11 -1.07 -3.79
N VAL B 281 4.35 -2.18 -3.75
CA VAL B 281 4.93 -3.51 -4.03
C VAL B 281 5.14 -3.68 -5.55
N ALA B 282 4.18 -3.23 -6.36
CA ALA B 282 4.30 -3.27 -7.83
C ALA B 282 5.52 -2.41 -8.26
N GLN B 283 5.67 -1.24 -7.65
CA GLN B 283 6.79 -0.31 -7.94
C GLN B 283 8.12 -0.76 -7.31
N GLY B 284 8.06 -1.48 -6.18
CA GLY B 284 9.24 -1.95 -5.47
C GLY B 284 9.95 -3.13 -6.10
N TYR B 285 9.26 -3.90 -6.98
CA TYR B 285 9.86 -5.05 -7.70
C TYR B 285 11.09 -4.63 -8.55
N GLY B 286 11.15 -3.35 -8.94
CA GLY B 286 12.28 -2.75 -9.64
C GLY B 286 12.10 -2.62 -11.15
N SER B 287 11.10 -3.28 -11.69
CA SER B 287 10.86 -3.27 -13.12
C SER B 287 9.38 -3.38 -13.48
N LEU B 288 8.78 -2.25 -13.86
CA LEU B 288 7.38 -2.21 -14.33
C LEU B 288 7.21 -2.94 -15.67
N GLY B 289 8.33 -3.09 -16.37
CA GLY B 289 8.41 -3.87 -17.58
C GLY B 289 8.07 -5.34 -17.40
N MET B 290 8.07 -5.84 -16.14
CA MET B 290 7.73 -7.23 -15.85
C MET B 290 6.29 -7.37 -15.32
N MET B 291 5.48 -6.32 -15.34
CA MET B 291 4.13 -6.34 -14.78
C MET B 291 3.08 -6.37 -15.93
N THR B 292 2.39 -7.48 -16.07
CA THR B 292 1.38 -7.61 -17.12
C THR B 292 -0.01 -7.53 -16.46
N SER B 293 -1.04 -7.22 -17.26
N SER B 293 -1.05 -7.30 -17.26
CA SER B 293 -2.44 -7.10 -16.81
CA SER B 293 -2.41 -7.26 -16.75
C SER B 293 -3.36 -7.91 -17.71
C SER B 293 -3.33 -8.01 -17.70
N VAL B 294 -4.43 -8.49 -17.14
CA VAL B 294 -5.43 -9.26 -17.88
C VAL B 294 -6.77 -8.81 -17.32
N LEU B 295 -7.63 -8.31 -18.18
CA LEU B 295 -9.00 -7.95 -17.80
C LEU B 295 -9.86 -9.24 -18.03
N VAL B 296 -10.37 -9.96 -16.94
CA VAL B 296 -11.17 -11.22 -17.00
C VAL B 296 -12.66 -10.93 -16.75
N CYS B 297 -13.56 -11.61 -17.45
CA CYS B 297 -14.99 -11.37 -17.32
C CYS B 297 -15.67 -12.44 -16.44
N PRO B 298 -16.86 -12.12 -15.86
CA PRO B 298 -17.61 -13.09 -14.99
C PRO B 298 -17.81 -14.49 -15.55
N ASP B 299 -18.10 -14.54 -16.88
CA ASP B 299 -18.26 -15.79 -17.66
C ASP B 299 -16.94 -16.59 -17.73
N GLY B 300 -15.80 -15.87 -17.75
CA GLY B 300 -14.49 -16.48 -17.87
C GLY B 300 -14.11 -16.76 -19.33
N LYS B 301 -14.89 -16.21 -20.28
CA LYS B 301 -14.69 -16.45 -21.72
C LYS B 301 -14.14 -15.25 -22.48
N THR B 302 -14.16 -14.03 -21.93
CA THR B 302 -13.58 -12.86 -22.58
C THR B 302 -12.39 -12.35 -21.75
N VAL B 303 -11.31 -11.97 -22.45
CA VAL B 303 -10.11 -11.39 -21.83
C VAL B 303 -9.50 -10.31 -22.74
N GLU B 304 -8.89 -9.31 -22.11
CA GLU B 304 -8.12 -8.28 -22.80
C GLU B 304 -6.81 -8.16 -22.04
N ALA B 305 -5.70 -8.48 -22.69
CA ALA B 305 -4.41 -8.47 -22.04
C ALA B 305 -3.58 -7.26 -22.48
N GLU B 306 -2.88 -6.66 -21.52
CA GLU B 306 -1.96 -5.55 -21.80
C GLU B 306 -0.93 -5.42 -20.72
N ALA B 307 0.17 -4.73 -21.01
CA ALA B 307 1.18 -4.45 -20.02
C ALA B 307 0.61 -3.50 -18.96
N ALA B 308 1.03 -3.66 -17.67
CA ALA B 308 0.53 -2.75 -16.61
C ALA B 308 1.26 -1.38 -16.66
N HIS B 309 2.45 -1.33 -17.26
CA HIS B 309 3.22 -0.07 -17.37
C HIS B 309 2.63 0.86 -18.44
N GLY B 310 3.19 2.06 -18.54
CA GLY B 310 2.76 3.05 -19.53
C GLY B 310 3.50 2.97 -20.86
N THR B 311 3.47 4.07 -21.60
CA THR B 311 4.07 4.19 -22.93
C THR B 311 5.58 4.44 -22.94
N VAL B 312 6.19 4.61 -21.73
CA VAL B 312 7.61 4.81 -21.50
C VAL B 312 8.11 6.03 -22.30
N THR B 313 7.43 7.17 -22.09
CA THR B 313 7.73 8.43 -22.76
C THR B 313 9.19 8.82 -22.67
N ARG B 314 9.84 8.66 -21.51
CA ARG B 314 11.24 9.07 -21.41
C ARG B 314 12.11 8.33 -22.43
N HIS B 315 11.82 7.03 -22.68
CA HIS B 315 12.59 6.24 -23.65
C HIS B 315 12.23 6.66 -25.07
N TYR B 316 10.95 6.99 -25.32
CA TYR B 316 10.49 7.47 -26.62
C TYR B 316 11.20 8.77 -26.99
N ARG B 317 11.43 9.70 -26.03
CA ARG B 317 12.17 10.96 -26.31
C ARG B 317 13.61 10.67 -26.68
N MET B 318 14.23 9.64 -26.07
CA MET B 318 15.61 9.26 -26.42
C MET B 318 15.61 8.67 -27.84
N TYR B 319 14.60 7.84 -28.12
CA TYR B 319 14.44 7.24 -29.42
C TYR B 319 14.23 8.33 -30.49
N GLN B 320 13.39 9.35 -30.21
CA GLN B 320 13.16 10.44 -31.18
C GLN B 320 14.43 11.20 -31.57
N LYS B 321 15.46 11.22 -30.71
CA LYS B 321 16.77 11.86 -30.96
C LYS B 321 17.83 10.89 -31.51
N GLY B 322 17.44 9.65 -31.82
CA GLY B 322 18.37 8.62 -32.30
C GLY B 322 19.27 8.02 -31.24
N GLN B 323 18.88 8.19 -29.97
CA GLN B 323 19.66 7.70 -28.84
C GLN B 323 19.24 6.28 -28.47
N GLU B 324 20.21 5.52 -28.01
CA GLU B 324 19.99 4.14 -27.64
C GLU B 324 19.06 4.06 -26.41
N THR B 325 18.15 3.09 -26.40
CA THR B 325 17.22 2.86 -25.32
C THR B 325 17.36 1.40 -24.89
N SER B 326 16.82 1.07 -23.74
CA SER B 326 16.78 -0.29 -23.23
C SER B 326 15.40 -0.48 -22.60
N THR B 327 14.40 -0.61 -23.46
CA THR B 327 13.01 -0.73 -23.03
C THR B 327 12.65 -2.19 -22.92
N ASN B 328 12.13 -2.60 -21.76
CA ASN B 328 11.79 -3.98 -21.46
C ASN B 328 10.49 -4.36 -22.18
N PRO B 329 10.51 -5.35 -23.08
CA PRO B 329 9.29 -5.71 -23.81
C PRO B 329 8.50 -6.86 -23.17
N ILE B 330 8.93 -7.38 -22.02
CA ILE B 330 8.32 -8.56 -21.41
C ILE B 330 6.83 -8.40 -21.11
N ALA B 331 6.42 -7.32 -20.44
CA ALA B 331 4.99 -7.18 -20.11
C ALA B 331 4.15 -7.12 -21.39
N SER B 332 4.66 -6.45 -22.45
CA SER B 332 3.97 -6.35 -23.75
C SER B 332 3.93 -7.72 -24.42
N ILE B 333 5.03 -8.50 -24.37
CA ILE B 333 5.07 -9.86 -24.95
C ILE B 333 4.03 -10.73 -24.23
N PHE B 334 3.96 -10.66 -22.89
CA PHE B 334 3.00 -11.47 -22.13
C PHE B 334 1.56 -11.02 -22.39
N ALA B 335 1.33 -9.78 -22.82
CA ALA B 335 -0.01 -9.39 -23.25
C ALA B 335 -0.38 -10.24 -24.49
N TRP B 336 0.59 -10.44 -25.44
CA TRP B 336 0.35 -11.32 -26.59
C TRP B 336 0.23 -12.77 -26.17
N THR B 337 1.16 -13.29 -25.35
CA THR B 337 1.06 -14.71 -24.97
C THR B 337 -0.19 -15.04 -24.16
N ARG B 338 -0.64 -14.13 -23.26
N ARG B 338 -0.64 -14.12 -23.28
CA ARG B 338 -1.85 -14.31 -22.45
CA ARG B 338 -1.83 -14.36 -22.46
C ARG B 338 -3.06 -14.33 -23.37
C ARG B 338 -3.09 -14.30 -23.34
N GLY B 339 -3.11 -13.38 -24.29
CA GLY B 339 -4.21 -13.28 -25.25
C GLY B 339 -4.29 -14.51 -26.14
N LEU B 340 -3.13 -14.96 -26.63
CA LEU B 340 -3.06 -16.13 -27.49
C LEU B 340 -3.36 -17.42 -26.73
N ALA B 341 -2.91 -17.53 -25.46
CA ALA B 341 -3.22 -18.71 -24.62
C ALA B 341 -4.75 -18.85 -24.45
N HIS B 342 -5.45 -17.71 -24.27
CA HIS B 342 -6.90 -17.70 -24.12
C HIS B 342 -7.60 -18.08 -25.42
N ARG B 343 -7.12 -17.52 -26.55
CA ARG B 343 -7.62 -17.83 -27.90
C ARG B 343 -7.48 -19.33 -28.12
N ALA B 344 -6.27 -19.87 -27.84
CA ALA B 344 -5.98 -21.30 -28.00
C ALA B 344 -6.92 -22.20 -27.14
N LYS B 345 -7.28 -21.74 -25.91
CA LYS B 345 -8.16 -22.46 -25.00
C LYS B 345 -9.59 -22.50 -25.51
N LEU B 346 -10.12 -21.31 -25.89
CA LEU B 346 -11.47 -21.20 -26.44
C LEU B 346 -11.69 -22.03 -27.70
N ASP B 347 -10.65 -22.10 -28.57
CA ASP B 347 -10.71 -22.83 -29.84
C ASP B 347 -10.16 -24.26 -29.77
N ASN B 348 -9.61 -24.72 -28.62
CA ASN B 348 -8.97 -26.05 -28.51
C ASN B 348 -7.85 -26.16 -29.57
N ASN B 349 -7.03 -25.09 -29.66
CA ASN B 349 -5.93 -24.99 -30.60
C ASN B 349 -4.65 -25.36 -29.86
N LYS B 350 -4.30 -26.65 -29.87
CA LYS B 350 -3.11 -27.16 -29.18
C LYS B 350 -1.81 -26.53 -29.71
N GLU B 351 -1.73 -26.23 -31.01
CA GLU B 351 -0.51 -25.67 -31.60
C GLU B 351 -0.30 -24.22 -31.13
N LEU B 352 -1.38 -23.43 -31.07
CA LEU B 352 -1.33 -22.05 -30.57
C LEU B 352 -1.05 -22.05 -29.06
N ALA B 353 -1.68 -22.97 -28.28
CA ALA B 353 -1.43 -23.08 -26.84
C ALA B 353 0.04 -23.38 -26.58
N PHE B 354 0.60 -24.35 -27.33
CA PHE B 354 2.01 -24.73 -27.22
C PHE B 354 2.92 -23.51 -27.51
N PHE B 355 2.64 -22.79 -28.61
CA PHE B 355 3.42 -21.63 -29.02
C PHE B 355 3.41 -20.52 -27.94
N ALA B 356 2.22 -20.13 -27.48
CA ALA B 356 2.06 -19.10 -26.45
C ALA B 356 2.90 -19.42 -25.22
N ASN B 357 2.89 -20.69 -24.77
CA ASN B 357 3.67 -21.09 -23.60
C ASN B 357 5.17 -21.05 -23.90
N ALA B 358 5.57 -21.51 -25.09
CA ALA B 358 6.97 -21.55 -25.51
C ALA B 358 7.58 -20.15 -25.54
N LEU B 359 6.83 -19.14 -26.03
CA LEU B 359 7.30 -17.75 -26.08
C LEU B 359 7.47 -17.18 -24.66
N GLU B 360 6.58 -17.54 -23.71
CA GLU B 360 6.75 -17.13 -22.31
C GLU B 360 8.01 -17.77 -21.74
N GLU B 361 8.21 -19.06 -22.02
CA GLU B 361 9.40 -19.78 -21.54
C GLU B 361 10.68 -19.16 -22.10
N VAL B 362 10.70 -18.90 -23.42
CA VAL B 362 11.86 -18.28 -24.08
C VAL B 362 12.18 -16.92 -23.43
N SER B 363 11.14 -16.13 -23.12
CA SER B 363 11.33 -14.79 -22.53
C SER B 363 12.04 -14.88 -21.17
N ILE B 364 11.53 -15.77 -20.30
CA ILE B 364 12.08 -16.01 -18.96
C ILE B 364 13.48 -16.64 -19.06
N GLU B 365 13.66 -17.63 -19.93
CA GLU B 365 14.97 -18.30 -20.10
C GLU B 365 16.03 -17.34 -20.57
N THR B 366 15.67 -16.40 -21.48
CA THR B 366 16.64 -15.42 -22.01
C THR B 366 17.24 -14.60 -20.88
N ILE B 367 16.36 -14.08 -20.02
CA ILE B 367 16.75 -13.27 -18.85
C ILE B 367 17.53 -14.12 -17.86
N GLU B 368 17.07 -15.35 -17.61
CA GLU B 368 17.75 -16.28 -16.69
C GLU B 368 19.11 -16.69 -17.17
N ALA B 369 19.37 -16.63 -18.50
CA ALA B 369 20.69 -16.88 -19.07
C ALA B 369 21.57 -15.59 -19.04
N GLY B 370 21.10 -14.50 -18.41
CA GLY B 370 21.87 -13.28 -18.24
C GLY B 370 21.74 -12.23 -19.34
N PHE B 371 20.77 -12.38 -20.27
CA PHE B 371 20.54 -11.40 -21.36
C PHE B 371 19.31 -10.61 -20.96
N MET B 372 19.48 -9.29 -20.72
CA MET B 372 18.33 -8.52 -20.25
C MET B 372 18.48 -7.06 -20.52
N THR B 373 17.39 -6.32 -20.35
CA THR B 373 17.37 -4.86 -20.49
C THR B 373 17.93 -4.21 -19.21
N LYS B 374 18.29 -2.93 -19.30
CA LYS B 374 18.95 -2.20 -18.21
C LYS B 374 18.19 -2.26 -16.88
N ASP B 375 16.85 -2.07 -16.92
CA ASP B 375 16.01 -2.13 -15.72
C ASP B 375 16.22 -3.47 -14.96
N LEU B 376 16.36 -4.61 -15.69
CA LEU B 376 16.55 -5.89 -15.02
C LEU B 376 17.96 -6.02 -14.50
N ALA B 377 18.96 -5.53 -15.25
CA ALA B 377 20.34 -5.56 -14.78
C ALA B 377 20.42 -4.71 -13.45
N ALA B 378 19.70 -3.56 -13.40
CA ALA B 378 19.64 -2.72 -12.18
C ALA B 378 18.98 -3.46 -11.01
N CYS B 379 17.99 -4.33 -11.27
CA CYS B 379 17.41 -5.16 -10.19
C CYS B 379 18.44 -6.06 -9.55
N ILE B 380 19.34 -6.62 -10.36
CA ILE B 380 20.37 -7.53 -9.84
C ILE B 380 21.50 -6.71 -9.17
N LYS B 381 22.09 -5.75 -9.86
CA LYS B 381 23.29 -5.05 -9.37
C LYS B 381 23.07 -3.74 -8.64
N GLY B 382 21.91 -3.14 -8.79
CA GLY B 382 21.66 -1.81 -8.27
C GLY B 382 22.00 -0.82 -9.38
N LEU B 383 21.07 0.09 -9.72
CA LEU B 383 21.21 1.01 -10.84
C LEU B 383 22.59 1.71 -10.92
N PRO B 384 23.15 2.27 -9.81
CA PRO B 384 24.48 2.89 -9.89
C PRO B 384 25.60 1.98 -10.38
N ASN B 385 25.50 0.67 -10.12
CA ASN B 385 26.54 -0.31 -10.48
C ASN B 385 26.36 -0.93 -11.87
N VAL B 386 25.33 -0.52 -12.65
CA VAL B 386 25.10 -1.09 -13.97
C VAL B 386 26.06 -0.48 -14.99
N GLN B 387 26.68 -1.33 -15.80
CA GLN B 387 27.58 -0.87 -16.89
C GLN B 387 26.93 -1.30 -18.20
N ARG B 388 27.38 -0.74 -19.34
CA ARG B 388 26.81 -1.08 -20.66
C ARG B 388 26.85 -2.57 -20.99
N SER B 389 27.91 -3.24 -20.57
CA SER B 389 28.09 -4.68 -20.79
C SER B 389 27.13 -5.56 -19.98
N ASP B 390 26.38 -5.02 -18.99
CA ASP B 390 25.41 -5.79 -18.21
C ASP B 390 24.06 -5.93 -18.87
N TYR B 391 23.80 -5.18 -19.97
CA TYR B 391 22.49 -5.24 -20.58
C TYR B 391 22.49 -5.11 -22.10
N LEU B 392 21.33 -5.38 -22.70
CA LEU B 392 21.08 -5.27 -24.14
C LEU B 392 20.17 -4.07 -24.38
N ASN B 393 20.35 -3.37 -25.50
CA ASN B 393 19.46 -2.26 -25.84
C ASN B 393 18.10 -2.84 -26.31
N THR B 394 17.10 -1.99 -26.59
CA THR B 394 15.76 -2.46 -26.99
C THR B 394 15.78 -3.42 -28.17
N PHE B 395 16.54 -3.09 -29.21
CA PHE B 395 16.58 -3.86 -30.45
C PHE B 395 17.45 -5.13 -30.27
N GLU B 396 18.57 -5.05 -29.53
CA GLU B 396 19.40 -6.22 -29.25
C GLU B 396 18.61 -7.25 -28.42
N PHE B 397 17.85 -6.77 -27.42
CA PHE B 397 17.07 -7.68 -26.59
C PHE B 397 15.97 -8.39 -27.42
N MET B 398 15.23 -7.65 -28.27
CA MET B 398 14.24 -8.24 -29.17
C MET B 398 14.88 -9.24 -30.13
N ASP B 399 16.08 -8.94 -30.65
CA ASP B 399 16.78 -9.85 -31.55
C ASP B 399 17.15 -11.13 -30.82
N LYS B 400 17.66 -11.01 -29.58
CA LYS B 400 18.05 -12.18 -28.79
C LYS B 400 16.84 -13.10 -28.54
N LEU B 401 15.70 -12.50 -28.18
CA LEU B 401 14.46 -13.25 -27.93
C LEU B 401 14.02 -13.96 -29.21
N GLY B 402 14.09 -13.26 -30.34
CA GLY B 402 13.74 -13.80 -31.64
C GLY B 402 14.61 -14.99 -31.99
N GLU B 403 15.94 -14.92 -31.73
CA GLU B 403 16.87 -16.03 -32.02
C GLU B 403 16.60 -17.19 -31.07
N ASN B 404 16.33 -16.89 -29.81
CA ASN B 404 16.03 -17.95 -28.85
C ASN B 404 14.67 -18.60 -29.13
N LEU B 405 13.70 -17.85 -29.66
CA LEU B 405 12.40 -18.40 -30.00
C LEU B 405 12.55 -19.33 -31.20
N LYS B 406 13.33 -18.91 -32.20
CA LYS B 406 13.58 -19.76 -33.37
C LYS B 406 14.25 -21.07 -32.94
N ILE B 407 15.24 -20.99 -32.01
CA ILE B 407 15.93 -22.18 -31.48
C ILE B 407 14.95 -23.09 -30.72
N LYS B 408 14.11 -22.52 -29.84
CA LYS B 408 13.13 -23.26 -29.03
C LYS B 408 12.18 -24.09 -29.90
N LEU B 409 11.62 -23.44 -30.94
CA LEU B 409 10.69 -24.07 -31.86
C LEU B 409 11.40 -25.06 -32.80
N ALA B 410 12.67 -24.81 -33.16
CA ALA B 410 13.42 -25.75 -34.00
C ALA B 410 13.69 -27.02 -33.17
N GLN B 411 14.11 -26.86 -31.90
CA GLN B 411 14.39 -28.01 -31.03
C GLN B 411 13.13 -28.84 -30.78
N ALA B 412 11.96 -28.18 -30.66
CA ALA B 412 10.68 -28.85 -30.42
C ALA B 412 10.28 -29.81 -31.54
N LYS B 413 10.50 -29.46 -32.84
CA LYS B 413 10.15 -30.35 -33.98
C LYS B 413 10.46 -31.85 -33.72
N LEU B 414 11.62 -32.13 -33.07
CA LEU B 414 12.08 -33.49 -32.76
C LEU B 414 11.16 -34.22 -31.76
#